data_8BIW
#
_entry.id   8BIW
#
_cell.length_a   158.028
_cell.length_b   158.028
_cell.length_c   93.600
_cell.angle_alpha   90.00
_cell.angle_beta   90.00
_cell.angle_gamma   120.00
#
_symmetry.space_group_name_H-M   'P 3 2 1'
#
loop_
_entity.id
_entity.type
_entity.pdbx_description
1 polymer 'Cystathionine beta-lyase, putative'
2 non-polymer '(2S)-2-aminopent-4-enoic acid'
3 non-polymer "PYRIDOXAL-5'-PHOSPHATE"
4 water water
#
_entity_poly.entity_id   1
_entity_poly.type   'polypeptide(L)'
_entity_poly.pdbx_seq_one_letter_code
;MASKQNDKDGAVRRDASFECGVKAGDWLPGFTPREETVYVHGGVEPDPLTGAILPPIYQNTTFVQESVENYLSKGFSYSR
TSNPTVLSLEKKIAEIEGGFGACCFATGMAATVTIFSAFLAPGDHCLVTNCSYGGTNRCARLHFSKYNIDFEFIDFRDPT
NVEKAIRPQTKVVFSESPCNPTLYLADIEAISQICKEKKVLHVCDSTFATPYMMRPLDLGADIVVQSTTKYYDGHNCTLG
GAVISSTKEIHDKVFFLRNVMGNIMSAQTAFYTLLTLKTLPIRVEKQSANAQKIAEFLSKHHKVEHVIYPGIPSFPQKEL
ALKQHKNVHGGMLAFEVKGGTEAGIRMMNHVPRPWSLCESLGACESIITCPAVFTHANMLREDRLKVGITDGFIRVSVGI
EDVNDLIDGLDYALSKA
;
_entity_poly.pdbx_strand_id   E,A
#
loop_
_chem_comp.id
_chem_comp.type
_chem_comp.name
_chem_comp.formula
PLP non-polymer PYRIDOXAL-5'-PHOSPHATE 'C8 H10 N O6 P'
#
# COMPACT_ATOMS: atom_id res chain seq x y z
N GLY A 21 -33.65 -14.60 27.07
CA GLY A 21 -34.33 -13.79 26.08
C GLY A 21 -33.49 -13.21 24.94
N VAL A 22 -32.95 -14.08 24.07
CA VAL A 22 -32.22 -13.67 22.87
C VAL A 22 -32.83 -14.35 21.66
N LYS A 23 -32.78 -13.66 20.53
CA LYS A 23 -33.55 -13.97 19.34
C LYS A 23 -32.59 -14.21 18.17
N ALA A 24 -33.16 -14.70 17.06
CA ALA A 24 -32.44 -14.83 15.80
C ALA A 24 -31.56 -13.61 15.53
N GLY A 25 -30.32 -13.86 15.15
CA GLY A 25 -29.40 -12.78 14.82
C GLY A 25 -28.51 -12.30 15.95
N ASP A 26 -28.72 -12.78 17.19
CA ASP A 26 -27.87 -12.52 18.34
C ASP A 26 -26.98 -13.72 18.59
N TRP A 27 -25.73 -13.47 19.02
CA TRP A 27 -25.00 -14.53 19.71
C TRP A 27 -25.62 -14.70 21.10
N LEU A 28 -25.53 -15.90 21.65
CA LEU A 28 -25.98 -16.09 23.04
C LEU A 28 -24.99 -15.37 23.96
N PRO A 29 -25.45 -14.48 24.84
CA PRO A 29 -24.48 -13.76 25.69
C PRO A 29 -23.77 -14.70 26.65
N GLY A 30 -22.49 -14.46 26.86
CA GLY A 30 -21.70 -15.25 27.79
C GLY A 30 -21.00 -16.43 27.16
N PHE A 31 -21.25 -16.71 25.90
CA PHE A 31 -20.61 -17.83 25.22
C PHE A 31 -19.56 -17.30 24.25
N THR A 32 -18.47 -18.03 24.12
CA THR A 32 -17.43 -17.72 23.15
C THR A 32 -17.53 -18.70 21.99
N PRO A 33 -17.69 -18.26 20.73
CA PRO A 33 -17.71 -19.20 19.61
C PRO A 33 -16.43 -20.01 19.55
N ARG A 34 -16.54 -21.24 19.09
CA ARG A 34 -15.34 -22.06 18.96
C ARG A 34 -14.56 -21.73 17.68
N GLU A 35 -13.38 -22.33 17.55
CA GLU A 35 -12.38 -21.86 16.60
C GLU A 35 -12.95 -21.76 15.16
N GLU A 36 -13.45 -22.86 14.59
CA GLU A 36 -13.88 -22.79 13.18
C GLU A 36 -15.04 -21.83 12.98
N THR A 37 -15.85 -21.64 14.01
CA THR A 37 -16.91 -20.65 13.92
C THR A 37 -16.34 -19.26 13.77
N VAL A 38 -15.26 -18.96 14.47
CA VAL A 38 -14.66 -17.64 14.34
C VAL A 38 -14.12 -17.43 12.91
N TYR A 39 -13.55 -18.47 12.30
CA TYR A 39 -13.10 -18.24 10.92
C TYR A 39 -14.24 -17.93 9.98
N VAL A 40 -15.41 -18.51 10.24
CA VAL A 40 -16.55 -18.26 9.38
C VAL A 40 -17.16 -16.89 9.65
N HIS A 41 -17.34 -16.51 10.91
CA HIS A 41 -18.19 -15.37 11.22
C HIS A 41 -17.51 -14.24 11.95
N GLY A 42 -16.30 -14.43 12.44
CA GLY A 42 -15.72 -13.45 13.35
C GLY A 42 -15.60 -12.10 12.67
N GLY A 43 -15.74 -11.04 13.46
CA GLY A 43 -15.68 -9.70 12.89
C GLY A 43 -16.82 -9.29 11.97
N VAL A 44 -17.82 -10.12 11.75
CA VAL A 44 -18.80 -9.77 10.74
C VAL A 44 -20.19 -10.11 11.27
N GLU A 45 -21.15 -9.28 10.94
CA GLU A 45 -22.54 -9.56 11.23
C GLU A 45 -23.32 -9.13 10.00
N PRO A 46 -24.55 -9.62 9.83
CA PRO A 46 -25.33 -9.22 8.63
C PRO A 46 -25.46 -7.70 8.56
N ASP A 47 -25.52 -7.17 7.33
CA ASP A 47 -25.58 -5.71 7.19
C ASP A 47 -26.83 -5.18 7.91
N PRO A 48 -26.71 -4.23 8.84
CA PRO A 48 -27.91 -3.74 9.57
C PRO A 48 -28.96 -3.10 8.68
N LEU A 49 -28.54 -2.49 7.59
CA LEU A 49 -29.49 -1.78 6.75
C LEU A 49 -30.33 -2.74 5.91
N THR A 50 -29.71 -3.80 5.35
CA THR A 50 -30.39 -4.71 4.43
C THR A 50 -30.46 -6.16 4.91
N GLY A 51 -29.69 -6.53 5.93
CA GLY A 51 -29.58 -7.94 6.29
C GLY A 51 -28.61 -8.73 5.44
N ALA A 52 -27.94 -8.12 4.46
CA ALA A 52 -26.98 -8.85 3.63
C ALA A 52 -26.06 -9.69 4.50
N ILE A 53 -26.00 -11.00 4.21
CA ILE A 53 -25.25 -11.91 5.07
C ILE A 53 -23.77 -11.64 4.98
N LEU A 54 -23.28 -11.19 3.82
CA LEU A 54 -21.93 -10.70 3.72
C LEU A 54 -21.93 -9.16 3.80
N PRO A 55 -20.96 -8.58 4.48
CA PRO A 55 -20.76 -7.12 4.42
C PRO A 55 -20.53 -6.65 3.00
N PRO A 56 -21.16 -5.56 2.60
CA PRO A 56 -20.93 -5.03 1.26
C PRO A 56 -19.51 -4.46 1.15
N ILE A 57 -19.08 -4.32 -0.10
CA ILE A 57 -17.75 -3.81 -0.43
C ILE A 57 -17.87 -2.30 -0.47
N TYR A 58 -17.21 -1.60 0.47
CA TYR A 58 -17.22 -0.13 0.44
C TYR A 58 -16.12 0.34 -0.51
N GLN A 59 -16.43 0.26 -1.79
CA GLN A 59 -15.50 0.65 -2.85
C GLN A 59 -15.70 2.14 -3.04
N ASN A 60 -15.04 2.93 -2.18
CA ASN A 60 -15.51 4.28 -1.90
C ASN A 60 -14.37 5.01 -1.19
N THR A 61 -13.96 6.18 -1.66
CA THR A 61 -12.86 6.86 -0.97
C THR A 61 -13.32 7.72 0.19
N THR A 62 -14.47 8.41 0.11
CA THR A 62 -14.78 9.40 1.15
C THR A 62 -16.18 9.21 1.71
N PHE A 63 -16.41 9.79 2.91
CA PHE A 63 -17.64 9.52 3.67
C PHE A 63 -18.25 10.83 4.10
N VAL A 64 -19.51 11.00 3.80
CA VAL A 64 -20.22 12.25 4.03
C VAL A 64 -20.49 12.38 5.51
N GLN A 65 -20.32 13.58 6.05
CA GLN A 65 -20.50 13.90 7.46
C GLN A 65 -21.83 14.64 7.66
N GLU A 66 -22.44 14.37 8.80
CA GLU A 66 -23.77 14.91 9.09
C GLU A 66 -23.73 16.42 9.35
N SER A 67 -22.66 16.91 9.95
CA SER A 67 -22.54 18.31 10.31
C SER A 67 -21.09 18.49 10.70
N VAL A 68 -20.64 19.76 10.79
CA VAL A 68 -19.27 20.01 11.19
C VAL A 68 -19.03 19.48 12.59
N GLU A 69 -20.05 19.58 13.46
CA GLU A 69 -19.92 19.16 14.85
C GLU A 69 -19.84 17.65 14.94
N ASN A 70 -20.70 16.96 14.18
CA ASN A 70 -20.78 15.50 14.17
C ASN A 70 -19.73 14.85 13.30
N TYR A 71 -18.60 15.50 13.04
CA TYR A 71 -17.53 14.87 12.29
C TYR A 71 -17.17 13.55 12.94
N LEU A 72 -17.03 12.49 12.14
CA LEU A 72 -16.64 11.14 12.61
C LEU A 72 -17.72 10.42 13.41
N SER A 73 -18.88 11.00 13.61
CA SER A 73 -19.97 10.14 13.93
C SER A 73 -20.19 9.27 12.70
N LYS A 74 -20.74 8.11 12.91
CA LYS A 74 -20.69 7.02 11.94
C LYS A 74 -19.32 6.41 11.73
N GLY A 75 -18.24 6.99 12.25
CA GLY A 75 -16.97 6.27 12.34
C GLY A 75 -15.97 6.42 11.20
N PHE A 76 -16.33 7.00 10.06
CA PHE A 76 -15.46 6.96 8.89
C PHE A 76 -15.36 8.34 8.28
N SER A 77 -14.24 8.59 7.62
CA SER A 77 -14.07 9.87 6.94
C SER A 77 -13.36 9.68 5.61
N TYR A 78 -12.37 8.78 5.54
CA TYR A 78 -11.54 8.69 4.34
C TYR A 78 -10.87 7.32 4.30
N SER A 79 -11.00 6.62 3.17
CA SER A 79 -10.58 5.22 3.18
C SER A 79 -9.08 4.98 3.30
N ARG A 80 -8.23 5.99 3.13
CA ARG A 80 -6.82 5.77 3.48
C ARG A 80 -6.65 5.55 4.97
N THR A 81 -7.49 6.20 5.78
CA THR A 81 -7.36 6.14 7.23
C THR A 81 -8.06 4.89 7.77
N SER A 82 -9.30 4.66 7.32
CA SER A 82 -9.99 3.42 7.68
C SER A 82 -11.15 3.25 6.71
N ASN A 83 -11.54 2.00 6.45
CA ASN A 83 -12.65 1.70 5.55
C ASN A 83 -13.50 0.59 6.17
N PRO A 84 -14.83 0.58 6.00
CA PRO A 84 -15.65 -0.38 6.78
C PRO A 84 -15.37 -1.84 6.43
N THR A 85 -15.11 -2.13 5.16
CA THR A 85 -14.83 -3.51 4.77
C THR A 85 -13.51 -3.95 5.38
N VAL A 86 -12.52 -3.07 5.27
CA VAL A 86 -11.20 -3.37 5.85
C VAL A 86 -11.32 -3.59 7.35
N LEU A 87 -12.11 -2.75 8.02
CA LEU A 87 -12.28 -2.87 9.47
C LEU A 87 -12.97 -4.17 9.84
N SER A 88 -13.95 -4.64 9.03
CA SER A 88 -14.55 -5.94 9.32
C SER A 88 -13.48 -7.05 9.28
N LEU A 89 -12.57 -6.98 8.27
CA LEU A 89 -11.51 -8.00 8.20
C LEU A 89 -10.59 -7.90 9.40
N GLU A 90 -10.22 -6.67 9.78
CA GLU A 90 -9.36 -6.47 10.95
C GLU A 90 -10.00 -7.06 12.22
N LYS A 91 -11.31 -6.91 12.38
CA LYS A 91 -11.94 -7.47 13.58
C LYS A 91 -11.86 -8.99 13.57
N LYS A 92 -12.10 -9.58 12.39
CA LYS A 92 -11.99 -11.02 12.26
C LYS A 92 -10.57 -11.48 12.57
N ILE A 93 -9.58 -10.81 11.98
CA ILE A 93 -8.21 -11.25 12.14
C ILE A 93 -7.77 -11.11 13.60
N ALA A 94 -8.15 -10.02 14.26
CA ALA A 94 -7.81 -9.86 15.68
C ALA A 94 -8.40 -10.98 16.53
N GLU A 95 -9.62 -11.41 16.22
CA GLU A 95 -10.23 -12.52 16.96
C GLU A 95 -9.53 -13.85 16.69
N ILE A 96 -9.25 -14.14 15.42
CA ILE A 96 -8.55 -15.36 15.09
C ILE A 96 -7.17 -15.41 15.72
N GLU A 97 -6.42 -14.29 15.72
CA GLU A 97 -5.05 -14.39 16.24
C GLU A 97 -4.97 -14.15 17.75
N GLY A 98 -6.04 -13.68 18.35
CA GLY A 98 -6.10 -13.47 19.78
C GLY A 98 -5.50 -12.13 20.22
N GLY A 99 -5.78 -11.06 19.48
CA GLY A 99 -5.16 -9.78 19.74
C GLY A 99 -6.16 -8.74 20.15
N PHE A 100 -5.65 -7.61 20.66
CA PHE A 100 -6.51 -6.47 20.93
C PHE A 100 -7.08 -5.90 19.62
N GLY A 101 -6.24 -5.72 18.61
CA GLY A 101 -6.75 -5.16 17.36
C GLY A 101 -5.78 -5.54 16.27
N ALA A 102 -6.21 -5.32 15.03
CA ALA A 102 -5.38 -5.59 13.89
C ALA A 102 -5.48 -4.42 12.92
N CYS A 103 -4.42 -4.19 12.16
CA CYS A 103 -4.40 -3.29 11.02
C CYS A 103 -4.04 -4.11 9.80
N CYS A 104 -4.72 -3.86 8.69
CA CYS A 104 -4.48 -4.54 7.43
C CYS A 104 -3.79 -3.61 6.42
N PHE A 105 -2.93 -4.20 5.59
CA PHE A 105 -2.00 -3.50 4.71
C PHE A 105 -2.10 -4.04 3.30
N ALA A 106 -1.58 -3.26 2.33
CA ALA A 106 -1.54 -3.67 0.93
C ALA A 106 -0.77 -4.97 0.73
N THR A 107 0.27 -5.23 1.55
CA THR A 107 1.08 -6.44 1.44
C THR A 107 1.67 -6.81 2.80
N GLY A 108 2.22 -8.03 2.88
CA GLY A 108 2.96 -8.41 4.10
C GLY A 108 4.21 -7.56 4.29
N MET A 109 4.89 -7.19 3.19
CA MET A 109 6.08 -6.35 3.33
C MET A 109 5.70 -4.99 3.92
N ALA A 110 4.55 -4.45 3.48
CA ALA A 110 4.08 -3.18 4.07
C ALA A 110 3.82 -3.31 5.56
N ALA A 111 3.21 -4.41 5.99
CA ALA A 111 3.00 -4.63 7.42
C ALA A 111 4.34 -4.64 8.18
N THR A 112 5.34 -5.35 7.62
CA THR A 112 6.65 -5.49 8.27
C THR A 112 7.37 -4.16 8.36
N VAL A 113 7.39 -3.45 7.24
CA VAL A 113 8.02 -2.14 7.12
C VAL A 113 7.35 -1.13 8.02
N THR A 114 6.04 -1.26 8.25
CA THR A 114 5.41 -0.35 9.18
C THR A 114 5.85 -0.64 10.61
N ILE A 115 6.11 -1.90 10.94
CA ILE A 115 6.65 -2.16 12.28
C ILE A 115 8.05 -1.55 12.43
N PHE A 116 8.92 -1.77 11.44
CA PHE A 116 10.25 -1.13 11.48
C PHE A 116 10.15 0.41 11.54
N SER A 117 9.22 1.01 10.79
CA SER A 117 9.05 2.47 10.77
C SER A 117 8.54 3.00 12.10
N ALA A 118 7.65 2.27 12.78
CA ALA A 118 7.06 2.79 13.99
C ALA A 118 7.97 2.63 15.20
N PHE A 119 8.70 1.53 15.28
CA PHE A 119 9.33 1.17 16.56
C PHE A 119 10.84 1.31 16.59
N LEU A 120 11.46 1.79 15.50
CA LEU A 120 12.91 1.93 15.45
C LEU A 120 13.25 3.38 15.10
N ALA A 121 14.29 3.92 15.72
CA ALA A 121 14.83 5.25 15.43
C ALA A 121 16.35 5.15 15.36
N PRO A 122 17.03 6.20 14.89
CA PRO A 122 18.49 6.10 14.69
C PRO A 122 19.18 5.76 16.01
N GLY A 123 20.18 4.90 15.96
CA GLY A 123 20.81 4.44 17.17
C GLY A 123 20.19 3.20 17.79
N ASP A 124 18.97 2.84 17.40
CA ASP A 124 18.34 1.62 17.93
C ASP A 124 18.92 0.37 17.28
N HIS A 125 18.68 -0.76 17.97
CA HIS A 125 19.17 -2.07 17.56
C HIS A 125 17.98 -3.00 17.40
N CYS A 126 18.05 -3.90 16.43
CA CYS A 126 16.94 -4.80 16.17
C CYS A 126 17.51 -6.17 15.89
N LEU A 127 17.06 -7.20 16.61
CA LEU A 127 17.48 -8.59 16.35
C LEU A 127 16.48 -9.25 15.42
N VAL A 128 16.98 -9.88 14.37
CA VAL A 128 16.17 -10.52 13.36
C VAL A 128 16.75 -11.92 13.13
N THR A 129 15.87 -12.90 12.93
CA THR A 129 16.29 -14.24 12.55
C THR A 129 17.17 -14.17 11.32
N ASN A 130 18.25 -14.98 11.30
CA ASN A 130 19.11 -14.96 10.11
C ASN A 130 18.52 -15.74 8.93
N CYS A 131 17.57 -16.62 9.17
CA CYS A 131 16.85 -17.28 8.08
C CYS A 131 15.50 -16.62 7.96
N SER A 132 15.48 -15.30 7.77
CA SER A 132 14.25 -14.56 7.58
C SER A 132 13.69 -14.85 6.19
N TYR A 133 12.43 -14.46 5.98
CA TYR A 133 12.01 -14.23 4.60
C TYR A 133 12.95 -13.20 3.97
N GLY A 134 13.41 -13.49 2.74
CA GLY A 134 14.45 -12.65 2.14
C GLY A 134 14.07 -11.17 2.05
N GLY A 135 12.81 -10.89 1.74
CA GLY A 135 12.39 -9.49 1.63
C GLY A 135 12.59 -8.72 2.93
N THR A 136 12.29 -9.36 4.08
CA THR A 136 12.50 -8.75 5.39
C THR A 136 13.97 -8.36 5.56
N ASN A 137 14.85 -9.31 5.23
CA ASN A 137 16.30 -9.13 5.19
C ASN A 137 16.69 -7.92 4.32
N ARG A 138 16.18 -7.85 3.08
N ARG A 138 16.18 -7.86 3.08
CA ARG A 138 16.58 -6.78 2.15
CA ARG A 138 16.60 -6.80 2.16
C ARG A 138 16.03 -5.41 2.56
C ARG A 138 16.03 -5.42 2.54
N CYS A 139 14.86 -5.36 3.18
CA CYS A 139 14.35 -4.08 3.63
C CYS A 139 15.10 -3.60 4.88
N ALA A 140 15.60 -4.51 5.71
CA ALA A 140 16.45 -4.12 6.84
C ALA A 140 17.79 -3.59 6.34
N ARG A 141 18.49 -4.42 5.57
CA ARG A 141 19.84 -4.08 5.14
C ARG A 141 19.77 -2.90 4.20
N LEU A 142 19.21 -3.13 3.04
CA LEU A 142 19.28 -2.14 1.99
C LEU A 142 18.40 -0.92 2.25
N HIS A 143 17.63 -0.85 3.35
CA HIS A 143 16.91 0.40 3.50
C HIS A 143 16.98 1.01 4.89
N PHE A 144 16.41 0.37 5.92
CA PHE A 144 16.34 1.04 7.22
C PHE A 144 17.73 1.25 7.84
N SER A 145 18.73 0.51 7.39
CA SER A 145 20.03 0.71 8.00
C SER A 145 20.64 2.06 7.61
N LYS A 146 20.16 2.68 6.53
CA LYS A 146 20.62 4.05 6.24
C LYS A 146 20.17 5.06 7.29
N TYR A 147 19.22 4.71 8.15
CA TYR A 147 18.85 5.58 9.25
C TYR A 147 19.68 5.34 10.49
N ASN A 148 20.78 4.60 10.37
CA ASN A 148 21.65 4.26 11.48
C ASN A 148 20.90 3.41 12.48
N ILE A 149 20.10 2.50 11.96
CA ILE A 149 19.45 1.48 12.77
C ILE A 149 20.27 0.22 12.56
N ASP A 150 20.65 -0.43 13.66
CA ASP A 150 21.55 -1.59 13.64
C ASP A 150 20.73 -2.88 13.66
N PHE A 151 20.70 -3.57 12.54
CA PHE A 151 20.03 -4.87 12.49
C PHE A 151 21.07 -5.96 12.64
N GLU A 152 20.81 -6.90 13.55
CA GLU A 152 21.74 -7.99 13.80
C GLU A 152 21.01 -9.30 13.56
N PHE A 153 21.57 -10.14 12.71
CA PHE A 153 20.93 -11.40 12.31
C PHE A 153 21.52 -12.52 13.12
N ILE A 154 20.70 -13.28 13.84
CA ILE A 154 21.16 -14.33 14.74
C ILE A 154 20.32 -15.58 14.57
N ASP A 155 20.81 -16.68 15.15
CA ASP A 155 20.19 -18.00 15.10
C ASP A 155 19.18 -18.07 16.24
N PHE A 156 17.88 -17.95 15.91
CA PHE A 156 16.81 -17.98 16.91
C PHE A 156 16.49 -19.40 17.40
N ARG A 157 17.18 -20.44 16.91
CA ARG A 157 16.87 -21.80 17.37
C ARG A 157 17.18 -22.00 18.84
N ASP A 158 18.14 -21.25 19.38
CA ASP A 158 18.42 -21.31 20.81
C ASP A 158 18.02 -19.98 21.44
N PRO A 159 17.02 -19.94 22.32
CA PRO A 159 16.62 -18.65 22.89
C PRO A 159 17.75 -17.91 23.61
N THR A 160 18.76 -18.62 24.11
CA THR A 160 19.79 -17.90 24.84
C THR A 160 20.63 -17.04 23.90
N ASN A 161 20.74 -17.40 22.61
CA ASN A 161 21.32 -16.48 21.63
C ASN A 161 20.58 -15.14 21.65
N VAL A 162 19.24 -15.17 21.76
CA VAL A 162 18.48 -13.93 21.79
C VAL A 162 18.80 -13.18 23.06
N GLU A 163 18.74 -13.87 24.19
CA GLU A 163 19.00 -13.21 25.46
C GLU A 163 20.39 -12.58 25.50
N LYS A 164 21.39 -13.24 24.91
CA LYS A 164 22.75 -12.73 24.98
C LYS A 164 22.99 -11.60 24.02
N ALA A 165 22.20 -11.49 22.95
CA ALA A 165 22.44 -10.45 21.97
C ALA A 165 21.65 -9.17 22.21
N ILE A 166 20.76 -9.15 23.20
CA ILE A 166 19.99 -7.94 23.50
C ILE A 166 20.90 -6.91 24.14
N ARG A 167 20.86 -5.70 23.61
CA ARG A 167 21.61 -4.54 24.05
C ARG A 167 20.70 -3.54 24.73
N PRO A 168 21.25 -2.52 25.38
CA PRO A 168 20.36 -1.47 25.91
C PRO A 168 19.59 -0.70 24.82
N GLN A 169 20.10 -0.67 23.58
CA GLN A 169 19.46 -0.01 22.45
C GLN A 169 18.49 -0.93 21.69
N THR A 170 18.33 -2.21 22.09
CA THR A 170 17.46 -3.13 21.36
C THR A 170 16.02 -2.75 21.62
N LYS A 171 15.25 -2.49 20.58
CA LYS A 171 13.83 -2.15 20.76
C LYS A 171 12.90 -3.25 20.26
N VAL A 172 13.38 -4.06 19.31
CA VAL A 172 12.58 -5.07 18.63
C VAL A 172 13.38 -6.35 18.49
N VAL A 173 12.77 -7.47 18.86
CA VAL A 173 13.22 -8.80 18.49
C VAL A 173 12.19 -9.37 17.53
N PHE A 174 12.63 -9.73 16.32
CA PHE A 174 11.76 -10.11 15.21
C PHE A 174 12.02 -11.58 14.87
N SER A 175 11.12 -12.44 15.30
CA SER A 175 11.22 -13.87 15.07
C SER A 175 10.29 -14.23 13.92
N GLU A 176 10.50 -15.40 13.38
CA GLU A 176 9.69 -15.96 12.33
C GLU A 176 9.62 -17.45 12.59
N SER A 177 8.41 -18.05 12.60
CA SER A 177 8.44 -19.51 12.90
C SER A 177 7.23 -20.17 12.27
N PRO A 178 7.40 -21.24 11.46
CA PRO A 178 8.63 -21.78 10.87
C PRO A 178 9.30 -20.71 9.99
N CYS A 179 10.61 -20.85 9.80
CA CYS A 179 11.38 -19.86 9.05
C CYS A 179 11.46 -20.11 7.55
N ASN A 180 11.24 -19.06 6.79
CA ASN A 180 11.38 -19.14 5.34
C ASN A 180 12.85 -19.18 4.96
N PRO A 181 13.34 -20.22 4.23
CA PRO A 181 12.73 -21.44 3.68
C PRO A 181 13.09 -22.71 4.41
N THR A 182 13.94 -22.62 5.44
CA THR A 182 14.53 -23.79 6.11
C THR A 182 13.61 -24.44 7.13
N LEU A 183 12.53 -23.77 7.52
CA LEU A 183 11.51 -24.28 8.45
C LEU A 183 12.06 -24.52 9.85
N TYR A 184 13.17 -23.89 10.20
CA TYR A 184 13.55 -23.78 11.60
C TYR A 184 12.41 -23.19 12.40
N LEU A 185 12.29 -23.66 13.64
CA LEU A 185 11.36 -23.15 14.61
C LEU A 185 12.08 -22.24 15.57
N ALA A 186 11.36 -21.23 16.05
CA ALA A 186 11.79 -20.40 17.17
C ALA A 186 10.86 -20.72 18.31
N ASP A 187 11.40 -20.90 19.53
CA ASP A 187 10.58 -21.14 20.71
C ASP A 187 9.94 -19.84 21.16
N ILE A 188 8.67 -19.63 20.78
CA ILE A 188 8.06 -18.32 20.90
C ILE A 188 7.80 -17.96 22.36
N GLU A 189 7.33 -18.93 23.16
CA GLU A 189 7.11 -18.63 24.58
C GLU A 189 8.41 -18.26 25.31
N ALA A 190 9.50 -18.92 24.98
CA ALA A 190 10.73 -18.67 25.72
C ALA A 190 11.32 -17.31 25.31
N ILE A 191 11.31 -17.03 24.02
CA ILE A 191 11.77 -15.72 23.52
C ILE A 191 10.91 -14.61 24.11
N SER A 192 9.59 -14.82 24.17
CA SER A 192 8.72 -13.84 24.82
C SER A 192 9.13 -13.58 26.26
N GLN A 193 9.43 -14.64 27.02
CA GLN A 193 9.85 -14.48 28.42
C GLN A 193 11.10 -13.60 28.49
N ILE A 194 12.07 -13.90 27.64
CA ILE A 194 13.27 -13.09 27.58
C ILE A 194 12.94 -11.62 27.25
N CYS A 195 12.04 -11.42 26.28
CA CYS A 195 11.74 -10.05 25.82
C CYS A 195 10.97 -9.29 26.88
N LYS A 196 10.06 -9.96 27.56
CA LYS A 196 9.37 -9.34 28.69
C LYS A 196 10.36 -8.95 29.78
N GLU A 197 11.36 -9.80 30.07
CA GLU A 197 12.31 -9.44 31.13
C GLU A 197 13.12 -8.20 30.75
N LYS A 198 13.60 -8.15 29.52
CA LYS A 198 14.40 -7.03 29.01
C LYS A 198 13.56 -5.86 28.54
N LYS A 199 12.23 -5.93 28.65
CA LYS A 199 11.32 -4.90 28.13
C LYS A 199 11.64 -4.50 26.69
N VAL A 200 11.71 -5.50 25.80
CA VAL A 200 11.85 -5.25 24.37
C VAL A 200 10.63 -5.85 23.67
N LEU A 201 10.26 -5.29 22.51
CA LEU A 201 9.09 -5.77 21.78
C LEU A 201 9.42 -7.07 21.08
N HIS A 202 8.60 -8.08 21.29
CA HIS A 202 8.72 -9.30 20.54
C HIS A 202 7.68 -9.30 19.42
N VAL A 203 8.18 -9.27 18.18
CA VAL A 203 7.38 -9.28 16.96
C VAL A 203 7.62 -10.62 16.33
N CYS A 204 6.54 -11.35 16.03
CA CYS A 204 6.66 -12.66 15.42
C CYS A 204 5.94 -12.70 14.06
N ASP A 205 6.67 -13.09 13.02
CA ASP A 205 6.09 -13.37 11.68
C ASP A 205 5.69 -14.85 11.62
N SER A 206 4.41 -15.13 11.80
CA SER A 206 3.96 -16.51 11.80
C SER A 206 3.18 -16.84 10.53
N THR A 207 3.56 -16.22 9.41
CA THR A 207 2.96 -16.50 8.11
C THR A 207 2.98 -17.99 7.76
N PHE A 208 4.08 -18.71 7.94
CA PHE A 208 4.15 -20.12 7.55
C PHE A 208 3.29 -21.03 8.41
N ALA A 209 2.98 -20.58 9.59
CA ALA A 209 2.20 -21.38 10.50
C ALA A 209 0.71 -21.22 10.40
N THR A 210 0.20 -20.03 10.27
CA THR A 210 -1.22 -19.76 10.34
C THR A 210 -1.63 -19.81 11.80
N PRO A 211 -2.63 -19.05 12.13
CA PRO A 211 -3.16 -19.09 13.48
C PRO A 211 -3.81 -20.44 13.82
N TYR A 212 -4.12 -21.22 12.81
CA TYR A 212 -4.69 -22.54 13.04
C TYR A 212 -3.64 -23.48 13.64
N MET A 213 -2.37 -23.27 13.33
CA MET A 213 -1.29 -24.08 13.89
C MET A 213 -0.57 -23.41 15.06
N MET A 214 -0.35 -22.09 15.03
CA MET A 214 0.34 -21.44 16.13
C MET A 214 -0.06 -19.98 16.23
N ARG A 215 -0.45 -19.53 17.42
CA ARG A 215 -0.82 -18.14 17.67
C ARG A 215 0.22 -17.50 18.55
N PRO A 216 1.18 -16.74 18.00
CA PRO A 216 2.25 -16.20 18.86
C PRO A 216 1.74 -15.29 19.96
N LEU A 217 0.61 -14.60 19.76
CA LEU A 217 0.08 -13.76 20.82
C LEU A 217 -0.31 -14.59 22.04
N ASP A 218 -0.83 -15.81 21.81
CA ASP A 218 -1.09 -16.72 22.93
C ASP A 218 0.18 -17.08 23.66
N LEU A 219 1.32 -17.04 22.99
CA LEU A 219 2.57 -17.45 23.61
C LEU A 219 3.40 -16.27 24.11
N GLY A 220 2.79 -15.09 24.21
CA GLY A 220 3.43 -13.93 24.81
C GLY A 220 4.04 -12.93 23.85
N ALA A 221 3.94 -13.15 22.53
CA ALA A 221 4.49 -12.14 21.62
C ALA A 221 3.73 -10.83 21.80
N ASP A 222 4.42 -9.70 21.60
CA ASP A 222 3.69 -8.44 21.65
C ASP A 222 2.97 -8.11 20.35
N ILE A 223 3.54 -8.50 19.20
CA ILE A 223 2.96 -8.18 17.89
C ILE A 223 3.10 -9.41 17.02
N VAL A 224 2.10 -9.68 16.19
CA VAL A 224 2.22 -10.65 15.11
C VAL A 224 2.16 -9.93 13.77
N VAL A 225 3.02 -10.33 12.84
CA VAL A 225 2.88 -9.90 11.47
C VAL A 225 2.53 -11.08 10.56
N GLN A 226 1.59 -10.84 9.63
CA GLN A 226 1.17 -11.86 8.67
C GLN A 226 1.24 -11.34 7.25
N SER A 227 1.78 -12.13 6.33
CA SER A 227 1.46 -11.94 4.92
C SER A 227 0.13 -12.66 4.68
N THR A 228 -0.97 -11.89 4.55
CA THR A 228 -2.24 -12.55 4.29
C THR A 228 -2.31 -13.07 2.85
N THR A 229 -1.39 -12.61 1.99
CA THR A 229 -1.17 -13.17 0.65
C THR A 229 -1.15 -14.69 0.65
N LYS A 230 -0.52 -15.28 1.67
CA LYS A 230 -0.11 -16.68 1.58
C LYS A 230 -1.27 -17.61 1.95
N TYR A 231 -1.46 -17.90 3.23
CA TYR A 231 -2.54 -18.83 3.62
C TYR A 231 -3.88 -18.18 3.90
N TYR A 232 -3.88 -16.96 4.48
CA TYR A 232 -5.18 -16.34 4.75
C TYR A 232 -5.96 -16.24 3.46
N ASP A 233 -5.28 -15.82 2.38
CA ASP A 233 -5.87 -15.83 1.04
C ASP A 233 -5.94 -17.27 0.51
N GLY A 234 -4.80 -17.94 0.42
CA GLY A 234 -4.81 -19.33 0.03
C GLY A 234 -5.22 -19.61 -1.39
N HIS A 235 -5.45 -18.58 -2.21
CA HIS A 235 -5.91 -18.84 -3.58
C HIS A 235 -5.09 -18.15 -4.65
N ASN A 236 -3.93 -17.60 -4.30
CA ASN A 236 -3.09 -16.84 -5.22
C ASN A 236 -3.84 -15.65 -5.81
N CYS A 237 -4.86 -15.18 -5.12
CA CYS A 237 -5.75 -14.12 -5.61
C CYS A 237 -5.27 -12.70 -5.24
N THR A 238 -4.98 -12.45 -3.97
CA THR A 238 -4.70 -11.09 -3.51
C THR A 238 -3.38 -11.02 -2.78
N LEU A 239 -2.82 -9.81 -2.72
CA LEU A 239 -1.73 -9.44 -1.80
C LEU A 239 -2.32 -8.83 -0.55
N GLY A 240 -1.66 -9.01 0.58
CA GLY A 240 -2.18 -8.32 1.79
C GLY A 240 -1.26 -8.60 2.95
N GLY A 241 -1.36 -7.73 3.95
CA GLY A 241 -0.65 -7.92 5.19
C GLY A 241 -1.52 -7.58 6.37
N ALA A 242 -1.08 -8.04 7.54
CA ALA A 242 -1.79 -7.66 8.75
C ALA A 242 -0.77 -7.54 9.89
N VAL A 243 -1.03 -6.58 10.76
CA VAL A 243 -0.30 -6.44 12.03
C VAL A 243 -1.33 -6.64 13.13
N ILE A 244 -1.12 -7.63 13.99
CA ILE A 244 -2.04 -7.88 15.09
C ILE A 244 -1.31 -7.49 16.37
N SER A 245 -1.88 -6.59 17.14
CA SER A 245 -1.27 -6.01 18.32
C SER A 245 -1.84 -6.60 19.59
N SER A 246 -0.96 -6.84 20.56
CA SER A 246 -1.38 -7.34 21.85
C SER A 246 -2.06 -6.27 22.70
N THR A 247 -1.75 -4.99 22.50
CA THR A 247 -2.31 -3.93 23.35
C THR A 247 -2.86 -2.77 22.52
N LYS A 248 -3.69 -1.96 23.18
CA LYS A 248 -4.20 -0.73 22.58
C LYS A 248 -3.09 0.24 22.24
N GLU A 249 -2.11 0.43 23.14
CA GLU A 249 -1.03 1.38 22.89
C GLU A 249 -0.25 1.02 21.62
N ILE A 250 0.08 -0.28 21.46
CA ILE A 250 0.76 -0.72 20.24
C ILE A 250 -0.16 -0.55 19.03
N HIS A 251 -1.43 -0.96 19.18
CA HIS A 251 -2.36 -0.91 18.05
C HIS A 251 -2.46 0.52 17.52
N ASP A 252 -2.65 1.48 18.43
CA ASP A 252 -2.87 2.87 18.03
C ASP A 252 -1.64 3.43 17.35
N LYS A 253 -0.43 3.01 17.80
CA LYS A 253 0.77 3.44 17.07
C LYS A 253 0.79 2.88 15.66
N VAL A 254 0.46 1.58 15.48
CA VAL A 254 0.48 1.01 14.14
C VAL A 254 -0.55 1.73 13.26
N PHE A 255 -1.75 1.96 13.80
CA PHE A 255 -2.85 2.57 13.05
C PHE A 255 -2.46 3.97 12.59
N PHE A 256 -1.90 4.78 13.51
CA PHE A 256 -1.52 6.14 13.15
C PHE A 256 -0.51 6.12 12.01
N LEU A 257 0.50 5.25 12.13
CA LEU A 257 1.53 5.27 11.11
C LEU A 257 1.04 4.72 9.78
N ARG A 258 0.12 3.75 9.81
CA ARG A 258 -0.44 3.27 8.56
C ARG A 258 -1.09 4.43 7.81
N ASN A 259 -1.77 5.32 8.54
CA ASN A 259 -2.45 6.43 7.86
C ASN A 259 -1.44 7.35 7.21
N VAL A 260 -0.30 7.54 7.86
CA VAL A 260 0.76 8.38 7.30
C VAL A 260 1.46 7.73 6.10
N MET A 261 1.73 6.42 6.17
CA MET A 261 2.45 5.77 5.08
C MET A 261 1.56 5.46 3.89
N GLY A 262 0.26 5.64 4.03
CA GLY A 262 -0.68 5.32 2.93
C GLY A 262 -0.64 3.89 2.43
N ASN A 263 -0.43 2.90 3.32
CA ASN A 263 -0.29 1.53 2.83
C ASN A 263 -1.42 0.61 3.31
N ILE A 264 -2.57 1.17 3.64
CA ILE A 264 -3.73 0.35 4.01
C ILE A 264 -4.13 -0.62 2.88
N MET A 265 -4.76 -1.73 3.28
CA MET A 265 -5.39 -2.64 2.33
C MET A 265 -6.63 -1.97 1.70
N SER A 266 -6.96 -2.34 0.46
CA SER A 266 -8.17 -1.89 -0.23
C SER A 266 -9.39 -2.70 0.19
N ALA A 267 -10.57 -2.09 0.04
CA ALA A 267 -11.82 -2.74 0.41
C ALA A 267 -12.03 -4.03 -0.39
N GLN A 268 -11.63 -4.03 -1.66
CA GLN A 268 -11.89 -5.24 -2.46
C GLN A 268 -10.99 -6.40 -2.01
N THR A 269 -9.71 -6.12 -1.79
CA THR A 269 -8.84 -7.14 -1.19
C THR A 269 -9.42 -7.66 0.13
N ALA A 270 -9.85 -6.75 1.01
CA ALA A 270 -10.39 -7.19 2.28
C ALA A 270 -11.62 -8.08 2.08
N PHE A 271 -12.46 -7.76 1.09
CA PHE A 271 -13.60 -8.62 0.82
C PHE A 271 -13.17 -10.01 0.41
N TYR A 272 -12.23 -10.10 -0.54
CA TYR A 272 -11.69 -11.41 -0.93
C TYR A 272 -11.13 -12.18 0.27
N THR A 273 -10.38 -11.51 1.15
CA THR A 273 -9.80 -12.21 2.29
C THR A 273 -10.82 -12.55 3.39
N LEU A 274 -11.87 -11.74 3.59
CA LEU A 274 -12.98 -12.14 4.43
C LEU A 274 -13.62 -13.43 3.92
N LEU A 275 -13.70 -13.58 2.62
CA LEU A 275 -14.23 -14.83 2.07
C LEU A 275 -13.26 -16.02 2.22
N THR A 276 -12.01 -15.88 1.77
CA THR A 276 -11.12 -17.05 1.78
C THR A 276 -10.74 -17.47 3.20
N LEU A 277 -10.77 -16.54 4.18
CA LEU A 277 -10.42 -16.96 5.53
C LEU A 277 -11.40 -18.01 6.07
N LYS A 278 -12.65 -18.01 5.56
CA LYS A 278 -13.66 -18.93 6.09
C LYS A 278 -13.20 -20.38 5.96
N THR A 279 -12.42 -20.70 4.94
CA THR A 279 -11.99 -22.06 4.70
C THR A 279 -10.56 -22.30 5.17
N LEU A 280 -9.92 -21.36 5.86
CA LEU A 280 -8.53 -21.62 6.23
C LEU A 280 -8.38 -22.92 7.03
N PRO A 281 -9.21 -23.20 8.06
CA PRO A 281 -9.02 -24.51 8.76
C PRO A 281 -9.11 -25.74 7.86
N ILE A 282 -10.13 -25.84 6.98
CA ILE A 282 -10.19 -27.06 6.16
C ILE A 282 -9.10 -27.07 5.08
N ARG A 283 -8.70 -25.92 4.54
CA ARG A 283 -7.59 -25.93 3.60
C ARG A 283 -6.30 -26.41 4.27
N VAL A 284 -5.97 -25.85 5.43
CA VAL A 284 -4.68 -26.16 6.04
C VAL A 284 -4.67 -27.61 6.50
N GLU A 285 -5.82 -28.13 6.98
CA GLU A 285 -5.87 -29.56 7.29
C GLU A 285 -5.57 -30.41 6.06
N LYS A 286 -6.16 -30.07 4.93
CA LYS A 286 -5.89 -30.86 3.72
C LYS A 286 -4.45 -30.73 3.25
N GLN A 287 -3.94 -29.50 3.20
CA GLN A 287 -2.56 -29.25 2.79
C GLN A 287 -1.58 -29.97 3.70
N SER A 288 -1.86 -29.97 5.00
CA SER A 288 -0.97 -30.57 5.98
C SER A 288 -1.00 -32.09 5.87
N ALA A 289 -2.18 -32.66 5.60
CA ALA A 289 -2.24 -34.11 5.39
C ALA A 289 -1.46 -34.51 4.14
N ASN A 290 -1.62 -33.72 3.05
CA ASN A 290 -0.84 -33.96 1.83
C ASN A 290 0.66 -33.82 2.13
N ALA A 291 1.05 -32.77 2.84
CA ALA A 291 2.48 -32.54 3.07
C ALA A 291 3.11 -33.67 3.89
N GLN A 292 2.42 -34.14 4.92
CA GLN A 292 2.92 -35.29 5.67
C GLN A 292 3.19 -36.45 4.75
N LYS A 293 2.24 -36.75 3.83
CA LYS A 293 2.48 -37.89 2.93
C LYS A 293 3.63 -37.63 1.96
N ILE A 294 3.72 -36.41 1.43
CA ILE A 294 4.81 -36.11 0.51
C ILE A 294 6.17 -36.22 1.22
N ALA A 295 6.24 -35.68 2.45
CA ALA A 295 7.48 -35.72 3.23
C ALA A 295 7.90 -37.15 3.53
N GLU A 296 6.92 -38.02 3.83
CA GLU A 296 7.26 -39.43 4.00
C GLU A 296 7.76 -40.06 2.70
N PHE A 297 7.13 -39.74 1.57
CA PHE A 297 7.57 -40.28 0.30
C PHE A 297 9.00 -39.84 -0.02
N LEU A 298 9.29 -38.54 0.15
CA LEU A 298 10.63 -38.03 -0.15
C LEU A 298 11.68 -38.60 0.80
N SER A 299 11.31 -38.87 2.05
CA SER A 299 12.30 -39.35 3.01
C SER A 299 12.81 -40.74 2.67
N LYS A 300 12.17 -41.45 1.75
CA LYS A 300 12.58 -42.78 1.36
C LYS A 300 13.16 -42.80 -0.04
N HIS A 301 13.15 -41.67 -0.75
CA HIS A 301 13.54 -41.64 -2.15
C HIS A 301 15.06 -41.50 -2.21
N HIS A 302 15.69 -42.34 -3.03
CA HIS A 302 17.15 -42.38 -2.98
C HIS A 302 17.81 -41.17 -3.65
N LYS A 303 17.09 -40.36 -4.43
CA LYS A 303 17.68 -39.16 -5.01
C LYS A 303 17.61 -37.98 -4.06
N VAL A 304 17.03 -38.17 -2.89
CA VAL A 304 16.74 -37.09 -1.95
C VAL A 304 17.70 -37.23 -0.80
N GLU A 305 18.47 -36.17 -0.56
CA GLU A 305 19.49 -36.19 0.47
C GLU A 305 18.90 -35.91 1.84
N HIS A 306 18.00 -34.92 1.94
CA HIS A 306 17.42 -34.61 3.25
C HIS A 306 16.00 -34.09 3.03
N VAL A 307 15.09 -34.37 3.97
CA VAL A 307 13.73 -33.84 3.96
C VAL A 307 13.53 -33.10 5.26
N ILE A 308 12.95 -31.90 5.18
CA ILE A 308 12.60 -31.11 6.35
C ILE A 308 11.08 -30.98 6.40
N TYR A 309 10.48 -31.55 7.42
CA TYR A 309 9.06 -31.35 7.65
C TYR A 309 8.82 -31.61 9.13
N PRO A 310 8.12 -30.73 9.83
CA PRO A 310 7.99 -30.89 11.29
C PRO A 310 7.26 -32.16 11.70
N GLY A 311 6.55 -32.83 10.78
CA GLY A 311 5.80 -34.03 11.12
C GLY A 311 6.52 -35.37 10.93
N ILE A 312 7.77 -35.38 10.46
CA ILE A 312 8.48 -36.65 10.28
C ILE A 312 9.53 -36.79 11.37
N PRO A 313 9.90 -38.03 11.75
CA PRO A 313 10.83 -38.21 12.89
C PRO A 313 12.20 -37.59 12.70
N SER A 314 12.69 -37.43 11.46
CA SER A 314 13.99 -36.80 11.27
C SER A 314 14.02 -35.29 11.60
N PHE A 315 12.90 -34.65 11.90
CA PHE A 315 12.91 -33.19 12.04
C PHE A 315 13.73 -32.81 13.28
N PRO A 316 14.72 -31.95 13.17
CA PRO A 316 15.59 -31.69 14.34
C PRO A 316 14.89 -31.05 15.50
N GLN A 317 13.87 -30.22 15.32
CA GLN A 317 13.23 -29.63 16.51
C GLN A 317 11.88 -30.27 16.81
N LYS A 318 11.89 -31.61 16.88
CA LYS A 318 10.63 -32.33 17.01
C LYS A 318 9.95 -32.04 18.33
N GLU A 319 10.72 -31.89 19.39
CA GLU A 319 10.15 -31.59 20.70
C GLU A 319 9.44 -30.25 20.73
N LEU A 320 10.07 -29.26 20.18
CA LEU A 320 9.45 -27.94 20.14
C LEU A 320 8.22 -27.96 19.20
N ALA A 321 8.32 -28.66 18.05
CA ALA A 321 7.18 -28.80 17.14
C ALA A 321 5.98 -29.37 17.86
N LEU A 322 6.20 -30.43 18.66
CA LEU A 322 5.08 -31.01 19.39
C LEU A 322 4.57 -30.07 20.47
N LYS A 323 5.43 -29.24 21.04
CA LYS A 323 4.92 -28.27 22.02
C LYS A 323 4.16 -27.10 21.39
N GLN A 324 4.65 -26.58 20.28
CA GLN A 324 4.24 -25.30 19.76
C GLN A 324 3.17 -25.40 18.65
N HIS A 325 3.08 -26.52 17.96
CA HIS A 325 2.15 -26.65 16.83
C HIS A 325 0.84 -27.26 17.30
N LYS A 326 -0.29 -26.67 16.93
CA LYS A 326 -1.59 -27.25 17.20
C LYS A 326 -2.16 -27.84 15.91
N ASN A 327 -2.88 -28.96 16.04
CA ASN A 327 -3.68 -29.54 14.94
C ASN A 327 -2.91 -30.19 13.81
N VAL A 328 -1.87 -29.53 13.28
CA VAL A 328 -1.22 -29.95 12.05
C VAL A 328 0.25 -29.58 12.16
N HIS A 329 1.06 -30.02 11.20
CA HIS A 329 2.42 -29.51 11.06
C HIS A 329 2.60 -28.65 9.79
N GLY A 330 1.51 -28.24 9.13
CA GLY A 330 1.64 -27.20 8.13
C GLY A 330 1.78 -27.73 6.72
N GLY A 331 1.60 -26.81 5.75
CA GLY A 331 1.70 -27.23 4.36
C GLY A 331 3.04 -27.03 3.71
N MET A 332 4.03 -26.52 4.46
CA MET A 332 5.36 -26.24 3.89
C MET A 332 6.33 -27.37 4.19
N LEU A 333 7.15 -27.72 3.21
CA LEU A 333 8.23 -28.67 3.51
C LEU A 333 9.40 -28.26 2.64
N ALA A 334 10.55 -28.88 2.89
CA ALA A 334 11.71 -28.58 2.08
C ALA A 334 12.52 -29.87 1.89
N PHE A 335 13.28 -29.95 0.81
CA PHE A 335 14.19 -31.08 0.71
C PHE A 335 15.40 -30.69 -0.11
N GLU A 336 16.43 -31.51 -0.02
CA GLU A 336 17.65 -31.35 -0.79
C GLU A 336 17.81 -32.59 -1.65
N VAL A 337 18.00 -32.35 -2.95
CA VAL A 337 18.22 -33.37 -3.95
C VAL A 337 19.72 -33.65 -3.99
N LYS A 338 20.09 -34.92 -4.16
CA LYS A 338 21.51 -35.27 -4.25
C LYS A 338 22.09 -34.78 -5.57
N GLY A 339 23.33 -34.30 -5.53
CA GLY A 339 23.97 -33.86 -6.76
C GLY A 339 24.05 -32.36 -6.90
N GLY A 340 23.68 -31.62 -5.87
CA GLY A 340 23.90 -30.19 -5.86
C GLY A 340 23.00 -29.44 -6.81
N THR A 341 23.57 -28.37 -7.37
CA THR A 341 22.77 -27.36 -8.02
C THR A 341 22.28 -27.81 -9.38
N GLU A 342 23.15 -28.42 -10.18
CA GLU A 342 22.74 -28.92 -11.48
C GLU A 342 21.59 -29.91 -11.36
N ALA A 343 21.62 -30.77 -10.33
CA ALA A 343 20.56 -31.75 -10.10
C ALA A 343 19.28 -31.07 -9.66
N GLY A 344 19.38 -30.09 -8.76
CA GLY A 344 18.21 -29.33 -8.37
C GLY A 344 17.55 -28.63 -9.54
N ILE A 345 18.36 -28.10 -10.44
CA ILE A 345 17.85 -27.40 -11.61
C ILE A 345 17.16 -28.37 -12.58
N ARG A 346 17.79 -29.52 -12.89
CA ARG A 346 17.13 -30.48 -13.78
C ARG A 346 15.78 -30.90 -13.19
N MET A 347 15.76 -31.09 -11.88
CA MET A 347 14.53 -31.50 -11.23
C MET A 347 13.44 -30.44 -11.38
N MET A 348 13.75 -29.19 -10.98
CA MET A 348 12.84 -28.06 -11.18
C MET A 348 12.33 -27.98 -12.60
N ASN A 349 13.24 -28.10 -13.57
CA ASN A 349 12.84 -27.90 -14.95
C ASN A 349 11.93 -28.99 -15.43
N HIS A 350 11.86 -30.12 -14.70
CA HIS A 350 10.97 -31.21 -15.12
C HIS A 350 9.84 -31.50 -14.13
N VAL A 351 9.49 -30.57 -13.24
CA VAL A 351 8.38 -30.91 -12.33
C VAL A 351 7.08 -30.66 -13.12
N PRO A 352 6.25 -31.67 -13.33
CA PRO A 352 5.08 -31.50 -14.19
C PRO A 352 3.89 -30.95 -13.40
N ARG A 353 2.86 -30.52 -14.17
CA ARG A 353 1.56 -30.26 -13.58
C ARG A 353 1.09 -31.50 -12.84
N PRO A 354 0.34 -31.34 -11.75
CA PRO A 354 -0.29 -30.10 -11.27
C PRO A 354 0.66 -29.11 -10.54
N TRP A 355 1.95 -29.42 -10.37
CA TRP A 355 2.85 -28.45 -9.74
C TRP A 355 2.99 -27.16 -10.57
N SER A 356 3.20 -26.03 -9.88
CA SER A 356 3.58 -24.79 -10.53
C SER A 356 4.97 -24.38 -10.08
N LEU A 357 5.82 -24.02 -11.04
CA LEU A 357 7.14 -23.49 -10.77
C LEU A 357 7.06 -21.95 -10.61
N CYS A 358 7.17 -21.43 -9.40
CA CYS A 358 6.92 -20.01 -9.16
C CYS A 358 7.22 -19.65 -7.72
N GLU A 359 7.16 -18.36 -7.44
CA GLU A 359 7.33 -17.90 -6.07
C GLU A 359 5.98 -17.98 -5.34
N SER A 360 5.98 -17.49 -4.10
CA SER A 360 4.84 -17.52 -3.17
C SER A 360 4.55 -18.94 -2.66
N LEU A 361 3.48 -19.10 -1.86
CA LEU A 361 3.28 -20.30 -1.06
C LEU A 361 1.90 -20.17 -0.42
N GLY A 362 1.43 -21.28 0.18
CA GLY A 362 0.23 -21.25 1.01
C GLY A 362 -1.07 -21.53 0.28
N ALA A 363 -1.01 -21.76 -1.04
CA ALA A 363 -2.15 -21.68 -1.93
C ALA A 363 -2.74 -23.07 -2.13
N CYS A 364 -4.01 -23.10 -2.63
CA CYS A 364 -4.65 -24.35 -3.07
C CYS A 364 -3.83 -25.06 -4.14
N GLU A 365 -3.16 -24.28 -5.00
CA GLU A 365 -2.25 -24.77 -6.05
C GLU A 365 -0.86 -25.06 -5.44
N SER A 366 -0.36 -26.28 -5.61
CA SER A 366 0.95 -26.64 -5.07
C SER A 366 2.05 -25.92 -5.87
N ILE A 367 3.06 -25.42 -5.15
CA ILE A 367 4.10 -24.60 -5.73
C ILE A 367 5.44 -25.16 -5.31
N ILE A 368 6.40 -25.11 -6.20
CA ILE A 368 7.73 -25.55 -5.84
C ILE A 368 8.70 -24.47 -6.27
N THR A 369 9.69 -24.17 -5.45
CA THR A 369 10.74 -23.27 -5.95
C THR A 369 12.11 -23.63 -5.38
N CYS A 370 13.17 -23.12 -6.05
CA CYS A 370 14.52 -23.25 -5.52
C CYS A 370 14.99 -21.90 -5.00
N PRO A 371 15.11 -21.72 -3.69
CA PRO A 371 15.37 -20.37 -3.15
C PRO A 371 16.70 -19.77 -3.58
N ALA A 372 17.75 -20.57 -3.66
CA ALA A 372 19.06 -20.00 -3.95
C ALA A 372 19.14 -19.52 -5.38
N VAL A 373 18.85 -20.42 -6.33
CA VAL A 373 19.00 -20.09 -7.74
C VAL A 373 18.10 -18.91 -8.12
N PHE A 374 16.89 -18.85 -7.56
CA PHE A 374 15.90 -17.88 -8.04
C PHE A 374 16.11 -16.52 -7.42
N ASP A 383 28.50 -17.81 2.10
CA ASP A 383 27.51 -17.53 1.08
C ASP A 383 26.09 -17.61 1.68
N ARG A 384 25.13 -18.18 0.92
CA ARG A 384 23.83 -18.61 1.44
C ARG A 384 23.91 -19.91 2.23
N LEU A 385 25.05 -20.62 2.13
CA LEU A 385 25.22 -21.97 2.66
C LEU A 385 25.19 -22.01 4.18
N LYS A 386 25.47 -20.88 4.84
CA LYS A 386 25.47 -20.82 6.29
C LYS A 386 24.09 -20.50 6.86
N VAL A 387 23.16 -20.04 6.01
CA VAL A 387 21.76 -19.88 6.40
C VAL A 387 20.96 -21.18 6.26
N GLY A 388 21.60 -22.28 5.86
CA GLY A 388 20.91 -23.53 5.60
C GLY A 388 20.53 -23.77 4.15
N ILE A 389 20.39 -22.71 3.35
CA ILE A 389 19.95 -22.87 1.95
C ILE A 389 21.05 -23.49 1.10
N THR A 390 21.17 -24.81 1.18
CA THR A 390 22.19 -25.56 0.48
C THR A 390 21.91 -25.57 -1.02
N ASP A 391 22.82 -26.20 -1.78
CA ASP A 391 22.88 -26.05 -3.24
C ASP A 391 21.64 -26.66 -3.91
N GLY A 392 21.29 -27.89 -3.53
CA GLY A 392 20.11 -28.54 -4.09
C GLY A 392 18.85 -28.39 -3.25
N PHE A 393 18.71 -27.26 -2.55
CA PHE A 393 17.61 -27.07 -1.60
C PHE A 393 16.34 -26.55 -2.30
N ILE A 394 15.20 -27.15 -1.97
CA ILE A 394 13.94 -26.95 -2.68
C ILE A 394 12.89 -26.67 -1.60
N ARG A 395 12.18 -25.55 -1.74
CA ARG A 395 11.06 -25.20 -0.87
C ARG A 395 9.76 -25.62 -1.55
N VAL A 396 8.91 -26.33 -0.81
CA VAL A 396 7.70 -26.92 -1.38
C VAL A 396 6.50 -26.36 -0.61
N SER A 397 5.52 -25.78 -1.33
CA SER A 397 4.24 -25.39 -0.74
C SER A 397 3.19 -26.36 -1.24
N VAL A 398 2.62 -27.12 -0.34
CA VAL A 398 1.70 -28.18 -0.72
C VAL A 398 0.29 -27.59 -0.78
N GLY A 399 -0.41 -27.80 -1.88
CA GLY A 399 -1.81 -27.39 -2.03
C GLY A 399 -2.79 -28.51 -1.70
N ILE A 400 -3.99 -28.44 -2.28
CA ILE A 400 -5.07 -29.37 -1.91
C ILE A 400 -5.43 -30.32 -3.06
N GLU A 401 -4.53 -30.48 -4.02
CA GLU A 401 -4.77 -31.42 -5.09
C GLU A 401 -4.72 -32.84 -4.54
N ASP A 402 -5.08 -33.81 -5.37
CA ASP A 402 -4.91 -35.19 -4.97
C ASP A 402 -3.42 -35.52 -4.73
N VAL A 403 -3.13 -36.07 -3.56
CA VAL A 403 -1.72 -36.28 -3.19
C VAL A 403 -1.00 -37.24 -4.13
N ASN A 404 -1.75 -38.15 -4.78
CA ASN A 404 -1.07 -39.08 -5.71
C ASN A 404 -0.57 -38.35 -6.95
N ASP A 405 -1.31 -37.34 -7.42
CA ASP A 405 -0.78 -36.57 -8.55
C ASP A 405 0.47 -35.81 -8.13
N LEU A 406 0.46 -35.25 -6.91
CA LEU A 406 1.61 -34.48 -6.46
C LEU A 406 2.85 -35.37 -6.34
N ILE A 407 2.69 -36.52 -5.68
CA ILE A 407 3.79 -37.47 -5.52
C ILE A 407 4.23 -38.00 -6.88
N ASP A 408 3.29 -38.38 -7.76
CA ASP A 408 3.73 -38.87 -9.07
C ASP A 408 4.54 -37.80 -9.80
N GLY A 409 4.14 -36.53 -9.67
CA GLY A 409 4.91 -35.49 -10.33
C GLY A 409 6.30 -35.30 -9.74
N LEU A 410 6.41 -35.34 -8.41
CA LEU A 410 7.75 -35.23 -7.82
C LEU A 410 8.63 -36.42 -8.24
N ASP A 411 8.07 -37.62 -8.24
CA ASP A 411 8.81 -38.82 -8.61
C ASP A 411 9.32 -38.73 -10.04
N TYR A 412 8.48 -38.25 -10.95
CA TYR A 412 8.95 -38.01 -12.29
C TYR A 412 10.09 -36.99 -12.31
N ALA A 413 9.91 -35.85 -11.63
CA ALA A 413 10.97 -34.83 -11.65
C ALA A 413 12.28 -35.41 -11.13
N LEU A 414 12.22 -36.20 -10.05
CA LEU A 414 13.42 -36.73 -9.43
C LEU A 414 14.12 -37.73 -10.35
N SER A 415 13.37 -38.36 -11.25
CA SER A 415 14.01 -39.26 -12.20
C SER A 415 14.91 -38.52 -13.18
N LYS A 416 14.81 -37.19 -13.28
CA LYS A 416 15.69 -36.38 -14.13
C LYS A 416 16.85 -35.76 -13.38
N ALA A 417 16.82 -35.75 -12.05
CA ALA A 417 17.89 -35.16 -11.24
C ALA A 417 19.26 -35.83 -11.44
N GLY B 21 1.42 -0.39 -46.14
CA GLY B 21 1.72 -1.52 -45.27
C GLY B 21 1.01 -1.54 -43.92
N VAL B 22 0.51 -0.39 -43.45
CA VAL B 22 -0.17 -0.29 -42.16
C VAL B 22 -1.55 -0.94 -42.23
N LYS B 23 -1.84 -1.81 -41.29
CA LYS B 23 -3.08 -2.58 -41.30
C LYS B 23 -3.85 -2.26 -40.02
N ALA B 24 -5.13 -2.70 -39.95
CA ALA B 24 -5.94 -2.57 -38.72
C ALA B 24 -5.13 -3.03 -37.52
N GLY B 25 -5.23 -2.30 -36.41
CA GLY B 25 -4.42 -2.59 -35.24
C GLY B 25 -3.04 -1.92 -35.18
N ASP B 26 -2.59 -1.26 -36.24
CA ASP B 26 -1.32 -0.53 -36.19
C ASP B 26 -1.62 0.96 -36.10
N TRP B 27 -0.73 1.69 -35.45
CA TRP B 27 -0.74 3.16 -35.55
C TRP B 27 -0.08 3.58 -36.85
N LEU B 28 -0.46 4.73 -37.38
CA LEU B 28 0.26 5.30 -38.52
C LEU B 28 1.69 5.63 -38.11
N PRO B 29 2.71 5.17 -38.85
CA PRO B 29 4.10 5.42 -38.42
C PRO B 29 4.45 6.90 -38.56
N GLY B 30 5.24 7.39 -37.61
CA GLY B 30 5.67 8.78 -37.67
C GLY B 30 4.65 9.82 -37.24
N PHE B 31 3.48 9.42 -36.72
CA PHE B 31 2.49 10.33 -36.16
C PHE B 31 2.50 10.24 -34.64
N THR B 32 2.63 11.36 -33.95
CA THR B 32 2.36 11.38 -32.50
C THR B 32 0.86 11.50 -32.29
N PRO B 33 0.20 10.54 -31.66
CA PRO B 33 -1.25 10.71 -31.38
C PRO B 33 -1.49 11.96 -30.56
N ARG B 34 -2.63 12.59 -30.81
CA ARG B 34 -2.93 13.81 -30.06
C ARG B 34 -3.33 13.46 -28.62
N GLU B 35 -3.44 14.51 -27.82
CA GLU B 35 -3.52 14.39 -26.37
C GLU B 35 -4.75 13.58 -25.91
N GLU B 36 -5.95 13.94 -26.37
CA GLU B 36 -7.13 13.19 -25.90
C GLU B 36 -7.09 11.74 -26.38
N THR B 37 -6.42 11.47 -27.52
CA THR B 37 -6.25 10.09 -27.94
C THR B 37 -5.40 9.32 -26.94
N VAL B 38 -4.36 9.96 -26.41
CA VAL B 38 -3.50 9.29 -25.45
C VAL B 38 -4.26 9.02 -24.15
N TYR B 39 -5.14 9.94 -23.74
CA TYR B 39 -5.95 9.60 -22.57
C TYR B 39 -6.79 8.36 -22.83
N VAL B 40 -7.36 8.25 -24.02
CA VAL B 40 -8.20 7.06 -24.26
C VAL B 40 -7.37 5.79 -24.40
N HIS B 41 -6.25 5.86 -25.13
CA HIS B 41 -5.57 4.64 -25.57
C HIS B 41 -4.16 4.48 -25.02
N GLY B 42 -3.63 5.47 -24.33
CA GLY B 42 -2.22 5.40 -23.92
C GLY B 42 -1.96 4.15 -23.08
N GLY B 43 -0.85 3.49 -23.37
CA GLY B 43 -0.40 2.36 -22.61
C GLY B 43 -1.14 1.07 -22.83
N VAL B 44 -2.13 1.03 -23.72
CA VAL B 44 -2.99 -0.13 -23.84
C VAL B 44 -3.18 -0.46 -25.31
N GLU B 45 -3.00 -1.71 -25.67
CA GLU B 45 -3.42 -2.21 -26.97
C GLU B 45 -4.36 -3.38 -26.70
N PRO B 46 -5.14 -3.81 -27.69
CA PRO B 46 -6.02 -4.96 -27.47
C PRO B 46 -5.19 -6.14 -27.00
N ASP B 47 -5.79 -6.96 -26.15
CA ASP B 47 -5.09 -8.11 -25.60
C ASP B 47 -4.54 -8.97 -26.75
N PRO B 48 -3.24 -9.28 -26.75
CA PRO B 48 -2.71 -10.10 -27.85
C PRO B 48 -3.35 -11.50 -27.92
N LEU B 49 -3.77 -12.07 -26.80
CA LEU B 49 -4.24 -13.45 -26.81
C LEU B 49 -5.65 -13.55 -27.37
N THR B 50 -6.52 -12.60 -27.02
CA THR B 50 -7.94 -12.68 -27.36
C THR B 50 -8.48 -11.50 -28.17
N GLY B 51 -7.71 -10.42 -28.34
CA GLY B 51 -8.25 -9.21 -28.92
C GLY B 51 -9.07 -8.32 -27.97
N ALA B 52 -9.21 -8.69 -26.69
CA ALA B 52 -10.03 -7.91 -25.76
C ALA B 52 -9.61 -6.44 -25.83
N ILE B 53 -10.60 -5.55 -25.97
CA ILE B 53 -10.27 -4.17 -26.22
C ILE B 53 -9.74 -3.50 -24.95
N LEU B 54 -10.16 -3.95 -23.77
CA LEU B 54 -9.58 -3.54 -22.48
C LEU B 54 -8.56 -4.59 -22.03
N PRO B 55 -7.43 -4.28 -21.42
CA PRO B 55 -6.57 -5.36 -20.88
C PRO B 55 -7.31 -6.09 -19.77
N PRO B 56 -7.15 -7.40 -19.66
CA PRO B 56 -7.81 -8.12 -18.57
C PRO B 56 -7.18 -7.76 -17.22
N ILE B 57 -7.96 -7.99 -16.17
CA ILE B 57 -7.49 -7.70 -14.81
C ILE B 57 -6.68 -8.89 -14.33
N TYR B 58 -5.38 -8.69 -14.06
CA TYR B 58 -4.52 -9.76 -13.54
C TYR B 58 -4.66 -9.83 -12.03
N GLN B 59 -5.80 -10.38 -11.60
CA GLN B 59 -6.13 -10.52 -10.18
C GLN B 59 -5.43 -11.79 -9.70
N ASN B 60 -4.15 -11.67 -9.41
CA ASN B 60 -3.28 -12.83 -9.39
C ASN B 60 -1.98 -12.44 -8.67
N THR B 61 -1.53 -13.29 -7.76
CA THR B 61 -0.36 -13.04 -6.92
C THR B 61 0.94 -13.44 -7.63
N THR B 62 0.99 -14.59 -8.23
CA THR B 62 2.28 -15.11 -8.66
C THR B 62 2.17 -15.63 -10.09
N PHE B 63 3.33 -15.73 -10.74
CA PHE B 63 3.44 -15.96 -12.18
C PHE B 63 4.35 -17.17 -12.42
N VAL B 64 3.88 -18.13 -13.18
CA VAL B 64 4.60 -19.39 -13.37
C VAL B 64 5.75 -19.15 -14.34
N GLN B 65 6.92 -19.73 -14.05
CA GLN B 65 8.14 -19.57 -14.81
C GLN B 65 8.37 -20.79 -15.69
N GLU B 66 8.92 -20.62 -16.88
CA GLU B 66 8.95 -21.80 -17.73
C GLU B 66 10.14 -22.70 -17.43
N SER B 67 11.17 -22.20 -16.76
CA SER B 67 12.38 -22.97 -16.41
C SER B 67 13.22 -22.08 -15.53
N VAL B 68 14.23 -22.68 -14.86
CA VAL B 68 15.12 -21.86 -14.04
C VAL B 68 15.85 -20.86 -14.93
N GLU B 69 16.29 -21.31 -16.11
CA GLU B 69 17.08 -20.45 -16.98
C GLU B 69 16.23 -19.31 -17.52
N ASN B 70 15.01 -19.61 -17.92
CA ASN B 70 14.12 -18.62 -18.47
C ASN B 70 13.32 -17.88 -17.40
N TYR B 71 13.84 -17.81 -16.19
CA TYR B 71 13.26 -16.98 -15.16
C TYR B 71 12.97 -15.58 -15.70
N LEU B 72 11.74 -15.10 -15.48
CA LEU B 72 11.31 -13.73 -15.77
C LEU B 72 11.28 -13.44 -17.25
N SER B 73 11.55 -14.42 -18.10
CA SER B 73 10.93 -14.34 -19.40
C SER B 73 9.43 -14.30 -19.14
N LYS B 74 8.74 -13.64 -20.06
CA LYS B 74 7.36 -13.15 -19.92
C LYS B 74 7.26 -11.94 -19.00
N GLY B 75 8.29 -11.67 -18.18
CA GLY B 75 8.43 -10.37 -17.52
C GLY B 75 7.84 -10.18 -16.12
N PHE B 76 7.20 -11.20 -15.54
CA PHE B 76 6.51 -11.07 -14.25
C PHE B 76 6.86 -12.27 -13.37
N SER B 77 6.90 -12.02 -12.06
CA SER B 77 7.20 -13.07 -11.11
C SER B 77 6.26 -12.99 -9.93
N TYR B 78 5.98 -11.78 -9.44
CA TYR B 78 5.20 -11.63 -8.21
C TYR B 78 4.58 -10.23 -8.18
N SER B 79 3.29 -10.16 -7.83
CA SER B 79 2.54 -8.88 -8.03
C SER B 79 2.97 -7.77 -7.06
N ARG B 80 3.64 -8.09 -5.95
CA ARG B 80 4.15 -6.99 -5.13
C ARG B 80 5.22 -6.19 -5.89
N THR B 81 5.92 -6.85 -6.80
CA THR B 81 7.03 -6.28 -7.54
C THR B 81 6.55 -5.56 -8.79
N SER B 82 5.71 -6.22 -9.57
CA SER B 82 5.09 -5.67 -10.79
C SER B 82 3.93 -6.58 -11.16
N ASN B 83 2.92 -6.00 -11.81
CA ASN B 83 1.71 -6.71 -12.19
C ASN B 83 1.31 -6.16 -13.56
N PRO B 84 0.85 -7.01 -14.49
CA PRO B 84 0.62 -6.50 -15.87
C PRO B 84 -0.43 -5.40 -15.99
N THR B 85 -1.53 -5.48 -15.22
CA THR B 85 -2.54 -4.43 -15.28
C THR B 85 -1.98 -3.12 -14.74
N VAL B 86 -1.24 -3.21 -13.63
CA VAL B 86 -0.62 -2.03 -13.04
C VAL B 86 0.41 -1.44 -14.02
N LEU B 87 1.18 -2.31 -14.67
CA LEU B 87 2.17 -1.83 -15.64
C LEU B 87 1.50 -1.12 -16.83
N SER B 88 0.34 -1.61 -17.32
CA SER B 88 -0.36 -0.84 -18.36
C SER B 88 -0.73 0.56 -17.89
N LEU B 89 -1.27 0.68 -16.67
CA LEU B 89 -1.61 2.01 -16.14
C LEU B 89 -0.35 2.88 -16.05
N GLU B 90 0.77 2.30 -15.62
CA GLU B 90 2.01 3.09 -15.46
C GLU B 90 2.50 3.59 -16.80
N LYS B 91 2.41 2.77 -17.84
CA LYS B 91 2.78 3.26 -19.18
C LYS B 91 1.89 4.43 -19.60
N LYS B 92 0.60 4.32 -19.36
CA LYS B 92 -0.29 5.41 -19.74
C LYS B 92 0.02 6.69 -18.96
N ILE B 93 0.27 6.55 -17.65
CA ILE B 93 0.51 7.71 -16.83
C ILE B 93 1.81 8.39 -17.24
N ALA B 94 2.85 7.59 -17.48
CA ALA B 94 4.13 8.16 -17.93
C ALA B 94 3.94 8.91 -19.26
N GLU B 95 3.14 8.35 -20.16
CA GLU B 95 2.88 9.04 -21.42
C GLU B 95 2.15 10.34 -21.19
N ILE B 96 1.12 10.32 -20.35
CA ILE B 96 0.30 11.52 -20.17
C ILE B 96 1.11 12.61 -19.49
N GLU B 97 1.92 12.24 -18.49
CA GLU B 97 2.66 13.24 -17.72
C GLU B 97 3.97 13.63 -18.39
N GLY B 98 4.39 12.90 -19.42
CA GLY B 98 5.63 13.24 -20.11
C GLY B 98 6.88 12.76 -19.40
N GLY B 99 6.86 11.56 -18.81
CA GLY B 99 7.99 11.08 -18.05
C GLY B 99 8.68 9.90 -18.71
N PHE B 100 9.86 9.57 -18.18
CA PHE B 100 10.49 8.33 -18.60
C PHE B 100 9.69 7.13 -18.12
N GLY B 101 9.25 7.16 -16.85
CA GLY B 101 8.49 5.98 -16.39
C GLY B 101 7.68 6.39 -15.19
N ALA B 102 6.70 5.57 -14.81
CA ALA B 102 5.87 5.82 -13.64
C ALA B 102 5.77 4.55 -12.80
N CYS B 103 5.57 4.74 -11.49
CA CYS B 103 5.33 3.66 -10.53
C CYS B 103 4.01 4.00 -9.88
N CYS B 104 3.09 3.03 -9.80
CA CYS B 104 1.80 3.24 -9.15
C CYS B 104 1.80 2.61 -7.76
N PHE B 105 1.09 3.27 -6.83
CA PHE B 105 1.11 2.98 -5.40
C PHE B 105 -0.31 2.83 -4.87
N ALA B 106 -0.44 2.22 -3.68
CA ALA B 106 -1.76 2.06 -3.05
C ALA B 106 -2.48 3.39 -2.82
N THR B 107 -1.74 4.50 -2.59
CA THR B 107 -2.31 5.82 -2.27
C THR B 107 -1.33 6.92 -2.67
N GLY B 108 -1.83 8.16 -2.73
CA GLY B 108 -0.92 9.28 -2.90
C GLY B 108 0.09 9.43 -1.77
N MET B 109 -0.35 9.19 -0.53
CA MET B 109 0.60 9.27 0.59
C MET B 109 1.72 8.24 0.42
N ALA B 110 1.40 7.01 -0.05
CA ALA B 110 2.46 6.01 -0.27
C ALA B 110 3.46 6.49 -1.32
N ALA B 111 2.97 7.06 -2.42
CA ALA B 111 3.87 7.65 -3.42
C ALA B 111 4.78 8.71 -2.79
N THR B 112 4.20 9.63 -2.02
CA THR B 112 4.98 10.71 -1.38
C THR B 112 6.01 10.14 -0.41
N VAL B 113 5.59 9.26 0.49
CA VAL B 113 6.58 8.74 1.45
C VAL B 113 7.63 7.89 0.76
N THR B 114 7.31 7.26 -0.38
CA THR B 114 8.36 6.52 -1.07
C THR B 114 9.42 7.47 -1.59
N ILE B 115 9.00 8.67 -2.04
CA ILE B 115 9.99 9.67 -2.48
C ILE B 115 10.88 10.10 -1.31
N PHE B 116 10.26 10.43 -0.17
CA PHE B 116 11.03 10.81 1.02
C PHE B 116 11.95 9.66 1.47
N SER B 117 11.50 8.41 1.34
CA SER B 117 12.30 7.28 1.79
C SER B 117 13.49 7.06 0.87
N ALA B 118 13.30 7.31 -0.43
CA ALA B 118 14.37 6.99 -1.36
C ALA B 118 15.42 8.09 -1.42
N PHE B 119 15.03 9.36 -1.30
CA PHE B 119 15.96 10.41 -1.71
C PHE B 119 16.44 11.25 -0.54
N LEU B 120 16.09 10.89 0.69
CA LEU B 120 16.49 11.62 1.87
C LEU B 120 17.14 10.63 2.83
N ALA B 121 18.16 11.07 3.55
CA ALA B 121 18.91 10.26 4.50
C ALA B 121 19.28 11.18 5.66
N PRO B 122 19.69 10.63 6.80
CA PRO B 122 19.92 11.51 7.97
C PRO B 122 20.91 12.62 7.65
N GLY B 123 20.65 13.80 8.22
CA GLY B 123 21.46 14.97 7.95
C GLY B 123 21.00 15.79 6.76
N ASP B 124 20.06 15.29 5.97
CA ASP B 124 19.61 15.98 4.77
C ASP B 124 18.59 17.05 5.12
N HIS B 125 18.56 18.09 4.27
CA HIS B 125 17.60 19.19 4.37
C HIS B 125 16.63 19.08 3.17
N CYS B 126 15.38 19.40 3.44
CA CYS B 126 14.32 19.32 2.45
C CYS B 126 13.47 20.57 2.60
N LEU B 127 13.31 21.32 1.50
CA LEU B 127 12.40 22.46 1.49
C LEU B 127 11.01 22.00 1.03
N VAL B 128 10.01 22.34 1.81
CA VAL B 128 8.64 22.01 1.47
C VAL B 128 7.81 23.26 1.52
N THR B 129 6.90 23.41 0.56
CA THR B 129 5.84 24.41 0.62
C THR B 129 5.20 24.41 2.00
N ASN B 130 5.08 25.60 2.62
CA ASN B 130 4.41 25.65 3.92
C ASN B 130 2.92 25.45 3.79
N CYS B 131 2.40 25.50 2.56
CA CYS B 131 1.01 25.26 2.22
C CYS B 131 0.82 23.87 1.61
N SER B 132 1.78 22.95 1.84
CA SER B 132 1.68 21.53 1.47
C SER B 132 0.31 20.96 1.87
N TYR B 133 -0.14 19.93 1.16
CA TYR B 133 -1.19 19.06 1.67
C TYR B 133 -0.84 18.68 3.11
N GLY B 134 -1.83 18.76 4.01
CA GLY B 134 -1.58 18.52 5.44
C GLY B 134 -1.01 17.14 5.77
N GLY B 135 -1.44 16.11 5.01
CA GLY B 135 -0.81 14.80 5.16
C GLY B 135 0.68 14.83 4.88
N THR B 136 1.10 15.53 3.81
CA THR B 136 2.51 15.60 3.41
C THR B 136 3.34 16.28 4.50
N ASN B 137 2.80 17.40 5.01
CA ASN B 137 3.33 18.10 6.17
C ASN B 137 3.51 17.13 7.38
N ARG B 138 2.47 16.34 7.68
N ARG B 138 2.49 16.32 7.69
CA ARG B 138 2.51 15.48 8.88
CA ARG B 138 2.52 15.48 8.91
C ARG B 138 3.51 14.32 8.75
C ARG B 138 3.38 14.20 8.80
N CYS B 139 3.54 13.64 7.59
CA CYS B 139 4.52 12.58 7.44
C CYS B 139 5.94 13.13 7.53
N ALA B 140 6.14 14.38 7.10
CA ALA B 140 7.47 14.99 7.27
C ALA B 140 7.79 15.26 8.75
N ARG B 141 6.96 16.08 9.40
CA ARG B 141 7.26 16.50 10.77
C ARG B 141 7.20 15.30 11.70
N LEU B 142 6.04 14.69 11.80
CA LEU B 142 5.84 13.65 12.79
C LEU B 142 6.52 12.32 12.46
N HIS B 143 7.06 12.10 11.25
CA HIS B 143 7.67 10.80 11.00
C HIS B 143 9.11 10.93 10.49
N PHE B 144 9.36 11.46 9.30
CA PHE B 144 10.72 11.36 8.77
C PHE B 144 11.73 12.21 9.53
N SER B 145 11.27 13.18 10.30
CA SER B 145 12.23 14.03 10.99
C SER B 145 12.85 13.32 12.20
N LYS B 146 12.28 12.19 12.63
CA LYS B 146 12.95 11.37 13.63
C LYS B 146 14.20 10.72 13.06
N TYR B 147 14.37 10.74 11.75
CA TYR B 147 15.62 10.25 11.19
C TYR B 147 16.68 11.35 11.02
N ASN B 148 16.54 12.49 11.71
CA ASN B 148 17.49 13.61 11.57
C ASN B 148 17.50 14.17 10.14
N ILE B 149 16.32 14.20 9.53
CA ILE B 149 16.09 14.85 8.24
C ILE B 149 15.39 16.16 8.61
N ASP B 150 15.90 17.27 8.09
CA ASP B 150 15.37 18.58 8.46
C ASP B 150 14.42 19.05 7.34
N PHE B 151 13.14 19.15 7.64
CA PHE B 151 12.17 19.71 6.71
C PHE B 151 11.93 21.16 7.08
N GLU B 152 12.16 22.06 6.13
CA GLU B 152 11.91 23.50 6.30
C GLU B 152 10.73 23.95 5.43
N PHE B 153 9.72 24.50 6.05
CA PHE B 153 8.50 24.91 5.40
C PHE B 153 8.60 26.39 5.07
N ILE B 154 8.59 26.73 3.79
CA ILE B 154 8.80 28.11 3.34
C ILE B 154 7.74 28.48 2.31
N ASP B 155 7.58 29.79 2.11
CA ASP B 155 6.62 30.33 1.16
C ASP B 155 7.16 30.16 -0.26
N PHE B 156 6.55 29.27 -1.06
CA PHE B 156 7.01 28.98 -2.43
C PHE B 156 6.46 29.96 -3.47
N ARG B 157 5.65 30.93 -3.06
CA ARG B 157 5.07 31.88 -4.03
C ARG B 157 6.15 32.67 -4.76
N ASP B 158 7.22 33.01 -4.10
CA ASP B 158 8.28 33.73 -4.80
C ASP B 158 9.47 32.80 -4.99
N PRO B 159 9.88 32.47 -6.21
CA PRO B 159 10.97 31.49 -6.37
C PRO B 159 12.26 31.92 -5.70
N THR B 160 12.47 33.23 -5.54
CA THR B 160 13.71 33.68 -4.92
C THR B 160 13.78 33.21 -3.47
N ASN B 161 12.65 33.15 -2.77
CA ASN B 161 12.58 32.49 -1.46
C ASN B 161 13.19 31.09 -1.49
N VAL B 162 12.82 30.29 -2.50
CA VAL B 162 13.42 28.95 -2.63
C VAL B 162 14.91 29.05 -2.81
N GLU B 163 15.36 29.88 -3.78
CA GLU B 163 16.79 29.94 -4.03
C GLU B 163 17.55 30.38 -2.77
N LYS B 164 16.97 31.31 -2.00
CA LYS B 164 17.64 31.82 -0.81
C LYS B 164 17.68 30.78 0.30
N ALA B 165 16.62 29.94 0.39
CA ALA B 165 16.53 28.96 1.46
C ALA B 165 17.36 27.70 1.22
N ILE B 166 17.93 27.53 0.03
CA ILE B 166 18.69 26.31 -0.20
C ILE B 166 19.94 26.34 0.68
N ARG B 167 20.29 25.22 1.27
CA ARG B 167 21.47 25.11 2.13
C ARG B 167 22.40 24.04 1.61
N PRO B 168 23.61 23.93 2.19
CA PRO B 168 24.51 22.90 1.61
C PRO B 168 23.93 21.50 1.71
N GLN B 169 23.10 21.22 2.71
CA GLN B 169 22.50 19.88 2.84
C GLN B 169 21.16 19.71 2.11
N THR B 170 20.70 20.70 1.35
CA THR B 170 19.42 20.52 0.65
C THR B 170 19.55 19.43 -0.39
N LYS B 171 18.71 18.40 -0.29
CA LYS B 171 18.64 17.39 -1.35
C LYS B 171 17.37 17.45 -2.19
N VAL B 172 16.25 17.88 -1.60
CA VAL B 172 14.96 17.88 -2.26
C VAL B 172 14.29 19.22 -2.05
N VAL B 173 13.67 19.75 -3.11
CA VAL B 173 12.75 20.86 -3.03
C VAL B 173 11.41 20.26 -3.47
N PHE B 174 10.41 20.38 -2.64
CA PHE B 174 9.15 19.65 -2.81
C PHE B 174 8.08 20.71 -2.94
N SER B 175 7.69 20.99 -4.18
CA SER B 175 6.68 21.99 -4.42
C SER B 175 5.33 21.31 -4.63
N GLU B 176 4.28 22.11 -4.56
CA GLU B 176 2.93 21.65 -4.82
C GLU B 176 2.21 22.79 -5.51
N SER B 177 1.41 22.52 -6.54
CA SER B 177 0.79 23.66 -7.20
C SER B 177 -0.40 23.23 -8.03
N PRO B 178 -1.59 23.85 -7.86
CA PRO B 178 -1.96 24.72 -6.74
C PRO B 178 -1.85 23.95 -5.39
N CYS B 179 -1.72 24.70 -4.30
CA CYS B 179 -1.56 24.10 -2.98
C CYS B 179 -2.84 23.80 -2.24
N ASN B 180 -2.85 22.67 -1.55
CA ASN B 180 -3.98 22.26 -0.72
C ASN B 180 -3.86 22.94 0.63
N PRO B 181 -4.83 23.78 1.06
CA PRO B 181 -6.15 24.07 0.49
C PRO B 181 -6.28 25.51 -0.02
N THR B 182 -5.18 26.26 0.09
CA THR B 182 -5.20 27.69 -0.19
C THR B 182 -5.06 28.03 -1.66
N LEU B 183 -4.68 27.08 -2.53
CA LEU B 183 -4.53 27.31 -3.98
C LEU B 183 -3.43 28.32 -4.33
N TYR B 184 -2.48 28.60 -3.43
CA TYR B 184 -1.23 29.25 -3.82
C TYR B 184 -0.59 28.50 -4.96
N LEU B 185 0.09 29.23 -5.87
CA LEU B 185 0.80 28.62 -6.97
C LEU B 185 2.29 28.73 -6.70
N ALA B 186 3.05 27.82 -7.30
CA ALA B 186 4.48 27.88 -7.29
C ALA B 186 4.92 27.94 -8.73
N ASP B 187 5.95 28.75 -9.05
CA ASP B 187 6.41 28.86 -10.43
C ASP B 187 7.32 27.67 -10.73
N ILE B 188 6.73 26.62 -11.29
CA ILE B 188 7.45 25.36 -11.40
C ILE B 188 8.68 25.51 -12.29
N GLU B 189 8.55 26.25 -13.40
CA GLU B 189 9.70 26.36 -14.30
C GLU B 189 10.85 27.15 -13.65
N ALA B 190 10.51 28.24 -12.93
CA ALA B 190 11.56 29.03 -12.28
C ALA B 190 12.23 28.24 -11.15
N ILE B 191 11.42 27.51 -10.36
CA ILE B 191 11.99 26.68 -9.31
C ILE B 191 12.86 25.58 -9.90
N SER B 192 12.43 24.99 -11.01
CA SER B 192 13.24 23.97 -11.68
C SER B 192 14.57 24.54 -12.15
N GLN B 193 14.57 25.78 -12.65
CA GLN B 193 15.83 26.40 -13.06
C GLN B 193 16.76 26.57 -11.85
N ILE B 194 16.20 27.03 -10.73
CA ILE B 194 16.99 27.14 -9.49
C ILE B 194 17.54 25.79 -9.06
N CYS B 195 16.66 24.77 -8.94
CA CYS B 195 17.10 23.41 -8.58
C CYS B 195 18.15 22.85 -9.54
N LYS B 196 18.00 23.08 -10.85
CA LYS B 196 19.01 22.56 -11.76
C LYS B 196 20.36 23.24 -11.51
N GLU B 197 20.35 24.56 -11.25
CA GLU B 197 21.62 25.24 -10.99
C GLU B 197 22.27 24.74 -9.69
N LYS B 198 21.49 24.54 -8.63
CA LYS B 198 22.07 24.14 -7.35
C LYS B 198 22.18 22.65 -7.20
N LYS B 199 21.83 21.88 -8.23
CA LYS B 199 22.02 20.43 -8.23
C LYS B 199 21.18 19.79 -7.11
N VAL B 200 19.90 20.14 -7.08
CA VAL B 200 18.97 19.71 -6.04
C VAL B 200 17.75 19.11 -6.72
N LEU B 201 17.19 18.05 -6.13
CA LEU B 201 16.07 17.35 -6.75
C LEU B 201 14.78 18.15 -6.62
N HIS B 202 14.07 18.37 -7.73
CA HIS B 202 12.78 19.06 -7.66
C HIS B 202 11.63 18.07 -7.84
N VAL B 203 10.82 17.94 -6.80
CA VAL B 203 9.66 17.06 -6.75
C VAL B 203 8.44 17.96 -6.71
N CYS B 204 7.45 17.70 -7.57
CA CYS B 204 6.26 18.54 -7.63
C CYS B 204 5.01 17.68 -7.51
N ASP B 205 4.18 18.02 -6.54
CA ASP B 205 2.88 17.39 -6.34
C ASP B 205 1.84 18.21 -7.10
N SER B 206 1.48 17.75 -8.29
CA SER B 206 0.51 18.48 -9.10
C SER B 206 -0.86 17.82 -9.08
N THR B 207 -1.21 17.20 -7.95
CA THR B 207 -2.53 16.57 -7.78
C THR B 207 -3.67 17.52 -8.15
N PHE B 208 -3.67 18.72 -7.64
CA PHE B 208 -4.74 19.69 -7.87
C PHE B 208 -4.86 20.18 -9.31
N ALA B 209 -3.79 20.11 -10.04
CA ALA B 209 -3.77 20.59 -11.40
C ALA B 209 -4.18 19.61 -12.45
N THR B 210 -3.71 18.39 -12.36
CA THR B 210 -3.89 17.39 -13.39
C THR B 210 -2.94 17.69 -14.54
N PRO B 211 -2.45 16.63 -15.16
CA PRO B 211 -1.61 16.79 -16.33
C PRO B 211 -2.36 17.53 -17.47
N TYR B 212 -3.69 17.54 -17.45
CA TYR B 212 -4.41 18.31 -18.47
C TYR B 212 -4.17 19.81 -18.29
N MET B 213 -3.97 20.28 -17.05
CA MET B 213 -3.74 21.71 -16.82
C MET B 213 -2.27 22.09 -16.71
N MET B 214 -1.44 21.21 -16.14
CA MET B 214 -0.07 21.54 -15.88
C MET B 214 0.75 20.26 -15.72
N ARG B 215 1.83 20.11 -16.52
CA ARG B 215 2.75 18.97 -16.44
C ARG B 215 4.09 19.39 -15.88
N PRO B 216 4.38 19.18 -14.58
CA PRO B 216 5.67 19.67 -14.06
C PRO B 216 6.88 19.11 -14.77
N LEU B 217 6.81 17.88 -15.32
CA LEU B 217 7.98 17.36 -16.01
C LEU B 217 8.29 18.19 -17.25
N ASP B 218 7.25 18.75 -17.90
CA ASP B 218 7.52 19.64 -19.03
C ASP B 218 8.16 20.92 -18.55
N LEU B 219 7.93 21.30 -17.31
CA LEU B 219 8.49 22.53 -16.80
C LEU B 219 9.81 22.31 -16.09
N GLY B 220 10.45 21.15 -16.25
CA GLY B 220 11.77 20.92 -15.69
C GLY B 220 11.82 20.17 -14.37
N ALA B 221 10.69 19.77 -13.79
CA ALA B 221 10.75 19.06 -12.52
C ALA B 221 11.42 17.71 -12.73
N ASP B 222 12.10 17.24 -11.69
CA ASP B 222 12.69 15.91 -11.80
C ASP B 222 11.68 14.78 -11.54
N ILE B 223 10.72 15.01 -10.64
CA ILE B 223 9.76 13.99 -10.26
C ILE B 223 8.40 14.64 -10.08
N VAL B 224 7.33 13.94 -10.51
CA VAL B 224 5.97 14.34 -10.18
C VAL B 224 5.37 13.29 -9.27
N VAL B 225 4.67 13.74 -8.26
CA VAL B 225 3.88 12.84 -7.44
C VAL B 225 2.41 13.21 -7.64
N GLN B 226 1.56 12.19 -7.76
CA GLN B 226 0.12 12.35 -7.97
C GLN B 226 -0.63 11.51 -6.95
N SER B 227 -1.65 12.07 -6.31
CA SER B 227 -2.72 11.24 -5.73
C SER B 227 -3.71 10.94 -6.85
N THR B 228 -3.66 9.73 -7.41
CA THR B 228 -4.63 9.41 -8.46
C THR B 228 -6.03 9.26 -7.87
N THR B 229 -6.12 9.15 -6.54
CA THR B 229 -7.41 9.15 -5.85
C THR B 229 -8.35 10.26 -6.34
N LYS B 230 -7.79 11.42 -6.68
CA LYS B 230 -8.55 12.66 -6.77
C LYS B 230 -9.12 12.84 -8.17
N TYR B 231 -8.32 13.33 -9.12
CA TYR B 231 -8.83 13.59 -10.47
C TYR B 231 -8.60 12.44 -11.44
N TYR B 232 -7.50 11.72 -11.31
CA TYR B 232 -7.27 10.61 -12.24
C TYR B 232 -8.43 9.63 -12.13
N ASP B 233 -8.83 9.35 -10.90
CA ASP B 233 -10.02 8.56 -10.64
C ASP B 233 -11.25 9.42 -10.88
N GLY B 234 -11.39 10.52 -10.12
CA GLY B 234 -12.49 11.44 -10.37
C GLY B 234 -13.89 10.92 -10.09
N HIS B 235 -14.00 9.76 -9.45
CA HIS B 235 -15.30 9.18 -9.18
C HIS B 235 -15.49 8.77 -7.74
N ASN B 236 -14.59 9.16 -6.83
CA ASN B 236 -14.64 8.75 -5.41
C ASN B 236 -14.59 7.24 -5.25
N CYS B 237 -13.99 6.57 -6.21
CA CYS B 237 -14.07 5.12 -6.29
C CYS B 237 -12.86 4.44 -5.63
N THR B 238 -11.65 4.82 -6.02
CA THR B 238 -10.42 4.12 -5.57
C THR B 238 -9.45 5.07 -4.89
N LEU B 239 -8.54 4.51 -4.09
CA LEU B 239 -7.33 5.21 -3.66
C LEU B 239 -6.20 4.88 -4.62
N GLY B 240 -5.28 5.80 -4.85
CA GLY B 240 -4.10 5.46 -5.62
C GLY B 240 -3.09 6.57 -5.64
N GLY B 241 -1.85 6.21 -5.94
CA GLY B 241 -0.78 7.18 -6.06
C GLY B 241 0.09 6.86 -7.26
N ALA B 242 0.83 7.87 -7.74
CA ALA B 242 1.77 7.61 -8.83
C ALA B 242 3.00 8.49 -8.66
N VAL B 243 4.16 7.96 -9.00
CA VAL B 243 5.39 8.74 -9.07
C VAL B 243 5.85 8.67 -10.52
N ILE B 244 5.99 9.83 -11.17
CA ILE B 244 6.42 9.87 -12.56
C ILE B 244 7.81 10.47 -12.57
N SER B 245 8.78 9.73 -13.09
CA SER B 245 10.19 10.10 -13.05
C SER B 245 10.68 10.58 -14.41
N SER B 246 11.49 11.65 -14.36
CA SER B 246 12.08 12.23 -15.56
C SER B 246 13.17 11.36 -16.16
N THR B 247 13.87 10.53 -15.36
CA THR B 247 14.95 9.72 -15.92
C THR B 247 14.84 8.27 -15.45
N LYS B 248 15.58 7.41 -16.15
CA LYS B 248 15.67 6.00 -15.82
C LYS B 248 16.27 5.75 -14.45
N GLU B 249 17.34 6.47 -14.11
CA GLU B 249 18.00 6.30 -12.82
C GLU B 249 17.03 6.60 -11.67
N ILE B 250 16.25 7.67 -11.79
CA ILE B 250 15.29 7.99 -10.75
C ILE B 250 14.20 6.91 -10.72
N HIS B 251 13.68 6.58 -11.90
CA HIS B 251 12.61 5.58 -11.96
C HIS B 251 13.05 4.26 -11.32
N ASP B 252 14.29 3.81 -11.60
CA ASP B 252 14.73 2.53 -11.07
C ASP B 252 14.88 2.57 -9.56
N LYS B 253 15.30 3.73 -8.99
CA LYS B 253 15.31 3.81 -7.53
C LYS B 253 13.92 3.71 -6.93
N VAL B 254 12.94 4.42 -7.52
CA VAL B 254 11.57 4.36 -7.01
C VAL B 254 11.02 2.94 -7.07
N PHE B 255 11.21 2.28 -8.21
CA PHE B 255 10.71 0.93 -8.44
C PHE B 255 11.30 -0.04 -7.42
N PHE B 256 12.61 0.02 -7.24
CA PHE B 256 13.25 -0.87 -6.28
C PHE B 256 12.65 -0.70 -4.89
N LEU B 257 12.52 0.56 -4.47
CA LEU B 257 12.00 0.80 -3.13
C LEU B 257 10.50 0.50 -3.00
N ARG B 258 9.71 0.68 -4.05
CA ARG B 258 8.31 0.26 -3.96
C ARG B 258 8.24 -1.23 -3.64
N ASN B 259 9.12 -2.03 -4.26
CA ASN B 259 9.05 -3.47 -4.01
C ASN B 259 9.38 -3.80 -2.54
N VAL B 260 10.33 -3.07 -1.99
CA VAL B 260 10.72 -3.25 -0.59
C VAL B 260 9.63 -2.79 0.38
N MET B 261 9.00 -1.63 0.12
CA MET B 261 7.99 -1.10 1.02
C MET B 261 6.63 -1.78 0.89
N GLY B 262 6.45 -2.61 -0.13
CA GLY B 262 5.21 -3.34 -0.28
C GLY B 262 4.00 -2.45 -0.50
N ASN B 263 4.17 -1.28 -1.14
CA ASN B 263 3.04 -0.34 -1.25
C ASN B 263 2.57 -0.17 -2.71
N ILE B 264 2.80 -1.15 -3.57
CA ILE B 264 2.30 -1.04 -4.95
C ILE B 264 0.77 -0.95 -5.00
N MET B 265 0.24 -0.34 -6.06
CA MET B 265 -1.19 -0.37 -6.37
C MET B 265 -1.67 -1.80 -6.71
N SER B 266 -2.93 -2.11 -6.44
CA SER B 266 -3.45 -3.40 -6.93
C SER B 266 -4.00 -3.38 -8.36
N ALA B 267 -4.13 -4.58 -8.93
CA ALA B 267 -4.59 -4.74 -10.32
C ALA B 267 -6.00 -4.18 -10.51
N GLN B 268 -6.88 -4.44 -9.54
CA GLN B 268 -8.25 -3.95 -9.66
C GLN B 268 -8.32 -2.41 -9.61
N THR B 269 -7.55 -1.78 -8.73
CA THR B 269 -7.49 -0.32 -8.72
C THR B 269 -6.91 0.21 -10.03
N ALA B 270 -5.83 -0.44 -10.54
CA ALA B 270 -5.26 -0.03 -11.81
C ALA B 270 -6.29 -0.13 -12.93
N PHE B 271 -7.15 -1.18 -12.91
CA PHE B 271 -8.19 -1.32 -13.94
C PHE B 271 -9.21 -0.16 -13.87
N TYR B 272 -9.69 0.16 -12.66
CA TYR B 272 -10.60 1.29 -12.51
C TYR B 272 -9.96 2.58 -13.04
N THR B 273 -8.70 2.80 -12.70
CA THR B 273 -8.04 4.05 -13.06
C THR B 273 -7.76 4.11 -14.54
N LEU B 274 -7.42 2.98 -15.15
CA LEU B 274 -7.30 2.95 -16.61
C LEU B 274 -8.61 3.36 -17.29
N LEU B 275 -9.75 2.95 -16.73
CA LEU B 275 -11.05 3.37 -17.26
C LEU B 275 -11.31 4.86 -17.01
N THR B 276 -11.19 5.31 -15.76
CA THR B 276 -11.59 6.70 -15.44
C THR B 276 -10.67 7.71 -16.10
N LEU B 277 -9.39 7.33 -16.37
CA LEU B 277 -8.49 8.30 -16.98
C LEU B 277 -8.94 8.68 -18.39
N LYS B 278 -9.66 7.79 -19.07
CA LYS B 278 -10.11 8.09 -20.44
C LYS B 278 -10.95 9.36 -20.50
N THR B 279 -11.69 9.70 -19.45
CA THR B 279 -12.55 10.87 -19.50
C THR B 279 -11.96 12.05 -18.75
N LEU B 280 -10.69 11.98 -18.30
CA LEU B 280 -10.17 13.10 -17.51
C LEU B 280 -10.28 14.43 -18.28
N PRO B 281 -9.86 14.55 -19.55
CA PRO B 281 -10.04 15.86 -20.24
C PRO B 281 -11.47 16.40 -20.21
N ILE B 282 -12.46 15.59 -20.57
CA ILE B 282 -13.81 16.16 -20.59
C ILE B 282 -14.34 16.42 -19.19
N ARG B 283 -13.98 15.58 -18.20
CA ARG B 283 -14.40 15.88 -16.83
C ARG B 283 -13.81 17.21 -16.36
N VAL B 284 -12.50 17.36 -16.47
CA VAL B 284 -11.84 18.54 -15.94
C VAL B 284 -12.32 19.80 -16.68
N GLU B 285 -12.59 19.69 -17.99
CA GLU B 285 -13.20 20.81 -18.71
C GLU B 285 -14.54 21.17 -18.10
N LYS B 286 -15.39 20.17 -17.85
CA LYS B 286 -16.71 20.47 -17.26
C LYS B 286 -16.57 21.03 -15.82
N GLN B 287 -15.77 20.39 -14.97
CA GLN B 287 -15.58 20.87 -13.61
C GLN B 287 -15.03 22.29 -13.59
N SER B 288 -14.06 22.57 -14.47
CA SER B 288 -13.44 23.89 -14.47
C SER B 288 -14.41 24.94 -14.96
N ALA B 289 -15.26 24.61 -15.94
CA ALA B 289 -16.26 25.59 -16.39
C ALA B 289 -17.26 25.89 -15.28
N ASN B 290 -17.70 24.85 -14.57
CA ASN B 290 -18.53 25.02 -13.39
C ASN B 290 -17.82 25.85 -12.33
N ALA B 291 -16.55 25.56 -12.07
CA ALA B 291 -15.83 26.26 -11.01
C ALA B 291 -15.69 27.76 -11.33
N GLN B 292 -15.39 28.08 -12.59
CA GLN B 292 -15.33 29.49 -13.00
C GLN B 292 -16.64 30.23 -12.68
N LYS B 293 -17.79 29.64 -13.07
CA LYS B 293 -19.08 30.27 -12.78
C LYS B 293 -19.38 30.35 -11.28
N ILE B 294 -19.06 29.29 -10.52
CA ILE B 294 -19.26 29.36 -9.08
C ILE B 294 -18.38 30.45 -8.45
N ALA B 295 -17.11 30.53 -8.88
CA ALA B 295 -16.20 31.52 -8.30
C ALA B 295 -16.67 32.95 -8.62
N GLU B 296 -17.13 33.20 -9.85
CA GLU B 296 -17.73 34.50 -10.17
C GLU B 296 -18.94 34.79 -9.29
N PHE B 297 -19.84 33.80 -9.16
CA PHE B 297 -21.00 33.97 -8.27
C PHE B 297 -20.56 34.33 -6.85
N LEU B 298 -19.64 33.57 -6.28
CA LEU B 298 -19.19 33.85 -4.91
C LEU B 298 -18.55 35.24 -4.80
N SER B 299 -17.79 35.65 -5.83
CA SER B 299 -17.06 36.92 -5.77
C SER B 299 -18.03 38.11 -5.78
N LYS B 300 -19.26 37.88 -6.22
CA LYS B 300 -20.29 38.92 -6.17
C LYS B 300 -21.19 38.83 -4.95
N HIS B 301 -21.07 37.77 -4.15
CA HIS B 301 -22.07 37.52 -3.11
C HIS B 301 -21.79 38.37 -1.87
N HIS B 302 -22.83 39.04 -1.36
CA HIS B 302 -22.61 39.97 -0.26
C HIS B 302 -22.25 39.29 1.07
N LYS B 303 -22.42 37.97 1.22
CA LYS B 303 -22.03 37.33 2.48
C LYS B 303 -20.69 36.62 2.37
N VAL B 304 -19.98 36.80 1.25
CA VAL B 304 -18.70 36.15 1.01
C VAL B 304 -17.58 37.16 1.17
N GLU B 305 -16.60 36.83 1.98
CA GLU B 305 -15.53 37.76 2.33
C GLU B 305 -14.43 37.70 1.30
N HIS B 306 -14.00 36.50 0.95
CA HIS B 306 -12.94 36.40 -0.04
C HIS B 306 -13.21 35.15 -0.87
N VAL B 307 -12.81 35.17 -2.14
CA VAL B 307 -12.89 34.01 -3.05
C VAL B 307 -11.54 33.81 -3.69
N ILE B 308 -11.07 32.58 -3.71
CA ILE B 308 -9.78 32.21 -4.32
C ILE B 308 -10.08 31.21 -5.44
N TYR B 309 -9.75 31.59 -6.67
CA TYR B 309 -9.89 30.70 -7.80
C TYR B 309 -8.90 31.20 -8.84
N PRO B 310 -8.05 30.34 -9.42
CA PRO B 310 -7.00 30.89 -10.30
C PRO B 310 -7.55 31.54 -11.58
N GLY B 311 -8.81 31.31 -11.90
CA GLY B 311 -9.36 31.91 -13.09
C GLY B 311 -10.19 33.18 -12.91
N ILE B 312 -10.41 33.66 -11.69
CA ILE B 312 -11.15 34.92 -11.64
C ILE B 312 -10.17 36.09 -11.65
N PRO B 313 -10.58 37.27 -12.12
CA PRO B 313 -9.62 38.35 -12.39
C PRO B 313 -8.89 38.85 -11.15
N SER B 314 -9.44 38.71 -9.95
CA SER B 314 -8.77 39.17 -8.72
C SER B 314 -7.77 38.18 -8.13
N PHE B 315 -7.55 37.01 -8.72
CA PHE B 315 -6.60 36.05 -8.16
C PHE B 315 -5.23 36.70 -7.97
N PRO B 316 -4.63 36.61 -6.78
CA PRO B 316 -3.37 37.32 -6.54
C PRO B 316 -2.22 36.83 -7.38
N GLN B 317 -2.21 35.58 -7.84
CA GLN B 317 -1.12 35.10 -8.67
C GLN B 317 -1.61 34.89 -10.10
N LYS B 318 -2.47 35.81 -10.52
CA LYS B 318 -3.07 35.72 -11.86
C LYS B 318 -2.02 35.56 -12.96
N GLU B 319 -0.94 36.33 -12.89
CA GLU B 319 0.05 36.27 -13.96
C GLU B 319 0.69 34.90 -14.06
N LEU B 320 1.01 34.28 -12.92
CA LEU B 320 1.61 32.97 -13.00
C LEU B 320 0.57 31.92 -13.45
N ALA B 321 -0.67 32.06 -13.00
CA ALA B 321 -1.70 31.14 -13.45
C ALA B 321 -1.84 31.18 -14.98
N LEU B 322 -1.79 32.38 -15.55
CA LEU B 322 -1.97 32.46 -16.99
C LEU B 322 -0.76 31.91 -17.69
N LYS B 323 0.41 31.98 -17.05
CA LYS B 323 1.59 31.43 -17.69
C LYS B 323 1.63 29.90 -17.59
N GLN B 324 1.12 29.34 -16.49
CA GLN B 324 1.43 27.96 -16.12
C GLN B 324 0.26 26.99 -16.35
N HIS B 325 -0.96 27.48 -16.42
CA HIS B 325 -2.14 26.64 -16.59
C HIS B 325 -2.50 26.55 -18.07
N LYS B 326 -2.73 25.34 -18.58
CA LYS B 326 -2.91 25.23 -20.04
C LYS B 326 -4.33 25.56 -20.55
N ASN B 327 -5.33 24.81 -20.15
CA ASN B 327 -6.66 24.86 -20.79
C ASN B 327 -7.74 25.45 -19.91
N VAL B 328 -7.54 25.34 -18.60
CA VAL B 328 -8.57 25.51 -17.60
C VAL B 328 -7.80 26.06 -16.41
N HIS B 329 -8.52 26.51 -15.38
CA HIS B 329 -7.93 26.84 -14.09
C HIS B 329 -8.35 25.89 -12.97
N GLY B 330 -8.99 24.76 -13.31
CA GLY B 330 -9.15 23.66 -12.37
C GLY B 330 -10.52 23.64 -11.69
N GLY B 331 -10.79 22.56 -10.97
CA GLY B 331 -12.07 22.41 -10.29
C GLY B 331 -12.08 22.82 -8.83
N MET B 332 -10.95 23.24 -8.28
CA MET B 332 -10.82 23.59 -6.85
C MET B 332 -10.97 25.10 -6.69
N LEU B 333 -11.70 25.54 -5.66
CA LEU B 333 -11.71 26.95 -5.29
C LEU B 333 -11.85 27.01 -3.79
N ALA B 334 -11.74 28.20 -3.24
CA ALA B 334 -11.88 28.33 -1.80
C ALA B 334 -12.52 29.69 -1.54
N PHE B 335 -13.19 29.82 -0.40
CA PHE B 335 -13.76 31.13 -0.07
C PHE B 335 -13.93 31.19 1.44
N GLU B 336 -14.14 32.42 1.92
CA GLU B 336 -14.43 32.68 3.32
C GLU B 336 -15.75 33.42 3.44
N VAL B 337 -16.56 32.97 4.43
CA VAL B 337 -17.87 33.54 4.75
C VAL B 337 -17.64 34.70 5.71
N LYS B 338 -18.40 35.79 5.50
CA LYS B 338 -18.36 36.91 6.46
C LYS B 338 -18.95 36.50 7.80
N GLY B 339 -18.43 37.06 8.87
CA GLY B 339 -18.88 36.72 10.19
C GLY B 339 -18.06 35.65 10.86
N GLY B 340 -16.92 35.30 10.29
CA GLY B 340 -16.07 34.43 11.04
C GLY B 340 -16.60 33.00 11.17
N THR B 341 -16.06 32.36 12.20
CA THR B 341 -16.15 30.92 12.32
C THR B 341 -17.60 30.44 12.45
N GLU B 342 -18.39 31.08 13.31
CA GLU B 342 -19.77 30.63 13.52
C GLU B 342 -20.56 30.69 12.21
N ALA B 343 -20.29 31.70 11.39
CA ALA B 343 -21.01 31.80 10.13
C ALA B 343 -20.56 30.74 9.16
N GLY B 344 -19.24 30.50 9.08
CA GLY B 344 -18.75 29.44 8.21
C GLY B 344 -19.35 28.09 8.54
N ILE B 345 -19.46 27.80 9.84
CA ILE B 345 -20.02 26.52 10.28
C ILE B 345 -21.52 26.43 10.00
N ARG B 346 -22.28 27.49 10.30
CA ARG B 346 -23.70 27.50 9.94
C ARG B 346 -23.89 27.28 8.43
N MET B 347 -23.02 27.92 7.63
CA MET B 347 -23.12 27.75 6.19
C MET B 347 -22.92 26.29 5.82
N MET B 348 -21.83 25.70 6.33
CA MET B 348 -21.54 24.32 5.93
C MET B 348 -22.59 23.34 6.42
N ASN B 349 -23.18 23.59 7.59
CA ASN B 349 -24.24 22.73 8.08
C ASN B 349 -25.53 22.88 7.29
N HIS B 350 -25.65 23.91 6.46
CA HIS B 350 -26.87 24.04 5.67
C HIS B 350 -26.63 23.87 4.17
N VAL B 351 -25.49 23.34 3.75
CA VAL B 351 -25.33 23.25 2.29
C VAL B 351 -26.10 22.00 1.86
N PRO B 352 -27.06 22.12 0.96
CA PRO B 352 -27.90 20.98 0.62
C PRO B 352 -27.30 20.16 -0.52
N ARG B 353 -27.93 19.00 -0.75
CA ARG B 353 -27.62 18.25 -1.95
C ARG B 353 -27.96 19.15 -3.14
N PRO B 354 -27.21 19.07 -4.25
CA PRO B 354 -26.27 18.02 -4.65
C PRO B 354 -24.89 18.07 -3.97
N TRP B 355 -24.59 19.07 -3.14
CA TRP B 355 -23.28 19.11 -2.46
C TRP B 355 -23.14 17.98 -1.45
N SER B 356 -21.89 17.56 -1.20
CA SER B 356 -21.55 16.57 -0.18
C SER B 356 -20.58 17.22 0.81
N LEU B 357 -20.87 17.08 2.11
CA LEU B 357 -19.96 17.60 3.14
C LEU B 357 -18.99 16.49 3.54
N CYS B 358 -17.73 16.61 3.12
CA CYS B 358 -16.78 15.51 3.34
C CYS B 358 -15.40 15.96 2.90
N GLU B 359 -14.41 15.12 3.20
CA GLU B 359 -13.04 15.25 2.73
C GLU B 359 -12.93 14.80 1.27
N SER B 360 -11.71 14.91 0.73
CA SER B 360 -11.34 14.55 -0.64
C SER B 360 -11.85 15.61 -1.62
N LEU B 361 -11.58 15.38 -2.90
CA LEU B 361 -11.74 16.38 -3.95
C LEU B 361 -11.53 15.68 -5.28
N GLY B 362 -11.86 16.39 -6.36
CA GLY B 362 -11.53 15.93 -7.69
C GLY B 362 -12.62 15.13 -8.38
N ALA B 363 -13.73 14.88 -7.71
CA ALA B 363 -14.71 13.90 -8.17
C ALA B 363 -15.84 14.54 -8.95
N CYS B 364 -16.59 13.67 -9.67
CA CYS B 364 -17.82 14.08 -10.34
C CYS B 364 -18.82 14.70 -9.37
N GLU B 365 -18.81 14.27 -8.11
CA GLU B 365 -19.74 14.76 -7.09
C GLU B 365 -19.09 15.99 -6.47
N SER B 366 -19.83 17.11 -6.39
CA SER B 366 -19.27 18.34 -5.80
C SER B 366 -19.12 18.20 -4.28
N ILE B 367 -18.00 18.70 -3.72
CA ILE B 367 -17.66 18.43 -2.32
C ILE B 367 -17.33 19.75 -1.65
N ILE B 368 -17.82 19.91 -0.43
CA ILE B 368 -17.47 21.07 0.35
C ILE B 368 -16.82 20.58 1.64
N THR B 369 -15.67 21.18 1.98
CA THR B 369 -14.77 20.72 3.04
C THR B 369 -14.48 21.92 3.96
N CYS B 370 -14.40 21.69 5.27
CA CYS B 370 -13.86 22.69 6.20
C CYS B 370 -12.44 22.29 6.58
N PRO B 371 -11.39 22.99 6.12
CA PRO B 371 -10.04 22.44 6.31
C PRO B 371 -9.55 22.45 7.76
N ALA B 372 -10.05 23.37 8.59
CA ALA B 372 -9.59 23.38 9.97
C ALA B 372 -10.17 22.22 10.76
N VAL B 373 -11.46 21.92 10.55
CA VAL B 373 -12.17 20.98 11.43
C VAL B 373 -12.21 19.57 10.83
N PHE B 374 -11.46 19.31 9.75
CA PHE B 374 -11.51 18.02 9.02
C PHE B 374 -10.10 17.46 8.81
N ASP B 383 -0.95 29.65 13.90
CA ASP B 383 -1.37 28.24 13.83
C ASP B 383 -1.66 27.92 12.36
N ARG B 384 -2.89 27.49 12.10
CA ARG B 384 -3.46 27.44 10.77
C ARG B 384 -3.54 28.83 10.12
N LEU B 385 -3.53 29.90 10.92
CA LEU B 385 -3.76 31.25 10.44
C LEU B 385 -2.59 31.83 9.64
N LYS B 386 -1.36 31.37 9.90
CA LYS B 386 -0.18 32.03 9.35
C LYS B 386 -0.12 31.92 7.83
N VAL B 387 -0.52 30.77 7.27
CA VAL B 387 -0.41 30.58 5.82
C VAL B 387 -1.78 30.32 5.19
N GLY B 388 -2.80 31.09 5.58
CA GLY B 388 -4.02 31.23 4.82
C GLY B 388 -5.26 30.56 5.39
N ILE B 389 -5.12 29.49 6.20
CA ILE B 389 -6.28 28.69 6.59
C ILE B 389 -7.08 29.38 7.70
N THR B 390 -7.93 30.30 7.29
CA THR B 390 -8.59 31.20 8.21
C THR B 390 -9.80 30.52 8.84
N ASP B 391 -10.55 31.35 9.57
CA ASP B 391 -11.66 31.02 10.44
C ASP B 391 -12.81 30.40 9.66
N GLY B 392 -13.42 31.22 8.79
CA GLY B 392 -14.52 30.75 8.00
C GLY B 392 -14.08 30.20 6.65
N PHE B 393 -12.90 29.54 6.59
CA PHE B 393 -12.27 29.18 5.34
C PHE B 393 -12.82 27.85 4.82
N ILE B 394 -13.29 27.84 3.58
CA ILE B 394 -14.02 26.70 3.05
C ILE B 394 -13.34 26.26 1.76
N ARG B 395 -13.03 24.96 1.66
CA ARG B 395 -12.42 24.40 0.45
C ARG B 395 -13.52 23.74 -0.35
N VAL B 396 -13.59 24.05 -1.66
CA VAL B 396 -14.66 23.61 -2.54
C VAL B 396 -14.05 22.82 -3.68
N SER B 397 -14.57 21.61 -3.92
CA SER B 397 -14.19 20.80 -5.08
C SER B 397 -15.41 20.72 -5.97
N VAL B 398 -15.33 21.24 -7.18
CA VAL B 398 -16.51 21.36 -8.03
C VAL B 398 -16.59 20.12 -8.94
N GLY B 399 -17.76 19.46 -8.94
CA GLY B 399 -18.06 18.30 -9.76
C GLY B 399 -18.71 18.70 -11.09
N ILE B 400 -19.45 17.76 -11.71
CA ILE B 400 -19.97 17.95 -13.06
C ILE B 400 -21.50 18.03 -13.06
N GLU B 401 -22.10 18.31 -11.90
CA GLU B 401 -23.53 18.54 -11.85
C GLU B 401 -23.88 19.82 -12.64
N ASP B 402 -25.19 20.07 -12.79
CA ASP B 402 -25.65 21.33 -13.40
C ASP B 402 -25.23 22.48 -12.49
N VAL B 403 -24.53 23.44 -13.04
CA VAL B 403 -23.95 24.50 -12.23
C VAL B 403 -25.02 25.29 -11.53
N ASN B 404 -26.23 25.38 -12.13
CA ASN B 404 -27.30 26.13 -11.49
C ASN B 404 -27.79 25.47 -10.22
N ASP B 405 -27.81 24.14 -10.15
CA ASP B 405 -28.11 23.47 -8.89
C ASP B 405 -27.01 23.73 -7.85
N LEU B 406 -25.76 23.71 -8.30
CA LEU B 406 -24.66 23.96 -7.37
C LEU B 406 -24.77 25.36 -6.77
N ILE B 407 -24.97 26.36 -7.63
CA ILE B 407 -25.11 27.74 -7.18
C ILE B 407 -26.35 27.91 -6.30
N ASP B 408 -27.52 27.36 -6.73
CA ASP B 408 -28.71 27.41 -5.87
C ASP B 408 -28.39 26.87 -4.48
N GLY B 409 -27.64 25.76 -4.40
CA GLY B 409 -27.33 25.20 -3.10
C GLY B 409 -26.45 26.09 -2.26
N LEU B 410 -25.39 26.63 -2.85
CA LEU B 410 -24.56 27.59 -2.09
C LEU B 410 -25.36 28.85 -1.69
N ASP B 411 -26.22 29.35 -2.57
CA ASP B 411 -26.93 30.59 -2.27
C ASP B 411 -27.90 30.36 -1.10
N TYR B 412 -28.55 29.18 -1.07
CA TYR B 412 -29.36 28.80 0.08
C TYR B 412 -28.50 28.77 1.35
N ALA B 413 -27.36 28.07 1.27
CA ALA B 413 -26.54 27.95 2.48
C ALA B 413 -26.06 29.31 2.96
N LEU B 414 -25.63 30.16 2.03
CA LEU B 414 -25.14 31.49 2.40
C LEU B 414 -26.25 32.34 3.00
N SER B 415 -27.47 32.22 2.48
CA SER B 415 -28.55 32.98 3.08
C SER B 415 -28.82 32.51 4.51
N LYS B 416 -28.60 31.22 4.81
CA LYS B 416 -28.72 30.75 6.18
C LYS B 416 -27.54 31.12 7.06
N ALA B 417 -26.37 31.37 6.48
CA ALA B 417 -25.21 31.59 7.35
C ALA B 417 -25.45 32.77 8.32
C1A 2AG C . 9.69 -11.57 -3.09
C1E 2AG C . 9.13 -12.78 -3.06
CB 2AG C . 8.67 -13.38 -1.71
CA 2AG C . 7.73 -14.57 -1.97
C 2AG C . 8.42 -15.94 -1.78
O 2AG C . 8.87 -16.34 -0.64
OXT 2AG C . 8.52 -16.70 -2.82
N 2AG C . 6.60 -14.45 -1.08
N1 PLP D . 7.00 -13.00 5.59
C2 PLP D . 6.89 -14.23 5.07
C2A PLP D . 7.21 -15.44 5.98
C3 PLP D . 6.54 -14.34 3.97
O3 PLP D . 6.38 -15.63 3.45
C4 PLP D . 6.22 -13.19 3.06
C4A PLP D . 5.79 -13.56 1.64
C5 PLP D . 6.33 -12.08 3.40
C6 PLP D . 6.71 -11.80 4.72
C5A PLP D . 6.05 -10.84 2.51
O4P PLP D . 4.66 -10.75 2.35
P PLP D . 4.12 -10.11 0.90
O1P PLP D . 4.62 -8.66 0.85
O2P PLP D . 4.73 -10.99 -0.18
O3P PLP D . 2.62 -10.27 1.04
C1A 2AG E . -6.44 12.95 4.97
C1E 2AG E . -7.30 13.45 4.08
CB 2AG E . -6.75 14.18 2.83
CA 2AG E . -7.91 14.46 1.84
C 2AG E . -8.37 15.94 1.81
O 2AG E . -7.54 16.92 1.63
OXT 2AG E . -9.61 16.14 2.00
N 2AG E . -7.51 14.14 0.49
N1 PLP F . -1.31 15.52 -2.21
C2 PLP F . -2.47 16.18 -2.43
C2A PLP F . -2.36 17.57 -3.05
C3 PLP F . -3.47 15.65 -2.15
O3 PLP F . -4.70 16.28 -2.38
C4 PLP F . -3.58 14.27 -1.55
C4A PLP F . -5.03 13.77 -1.29
C5 PLP F . -2.61 13.65 -1.26
C6 PLP F . -1.32 14.16 -1.60
C5A PLP F . -2.59 12.22 -0.64
O4P PLP F . -3.14 11.29 -1.51
P PLP F . -3.99 10.05 -0.86
O1P PLP F . -3.06 9.25 0.01
O2P PLP F . -5.11 10.64 -0.12
O3P PLP F . -4.36 9.39 -2.16
#